data_3E03
#
_entry.id   3E03
#
_cell.length_a   251.286
_cell.length_b   41.351
_cell.length_c   73.323
_cell.angle_alpha   90.000
_cell.angle_beta   96.620
_cell.angle_gamma   90.000
#
_symmetry.space_group_name_H-M   'C 1 2 1'
#
loop_
_entity.id
_entity.type
_entity.pdbx_description
1 polymer 'Short chain dehydrogenase'
2 non-polymer 'CALCIUM ION'
3 water water
#
_entity_poly.entity_id   1
_entity_poly.type   'polypeptide(L)'
_entity_poly.pdbx_seq_one_letter_code
;SLTLSGKTLFITGASRGIGLAIALRAARDGANVAIAAKSAVANPKLPGTIHSAAAAVNAAGGQGLALKCDIREEDQVRAA
VAATVDTFGGIDILVNNASAIWLRGTLDTP(MSE)KRFDL(MSE)QQVNARGSFVCAQACLPHLLQAPNPHILTLAPPPS
LNPAWWGAHTGYTLAK(MSE)G(MSE)SLVTLGLAAEFGPQGVAINALWPRTVIATDAIN(MSE)LPGVDAAACRRPEI
(MSE)ADAAHAVLTREAAGFHGQFLIDDEVLAQAGITDLSGYAVDPQRALLPDLFLEEG
;
_entity_poly.pdbx_strand_id   A,B,C
#
# COMPACT_ATOMS: atom_id res chain seq x y z
N SER A 1 7.11 -0.54 5.91
CA SER A 1 7.58 0.73 5.27
C SER A 1 6.52 1.84 5.35
N LEU A 2 6.97 3.09 5.39
CA LEU A 2 6.06 4.21 5.41
C LEU A 2 5.43 4.39 4.03
N THR A 3 4.17 4.85 4.02
CA THR A 3 3.39 4.86 2.77
C THR A 3 2.47 6.07 2.69
N LEU A 4 2.24 6.53 1.47
CA LEU A 4 1.25 7.57 1.17
C LEU A 4 -0.10 6.97 0.69
N SER A 5 -0.31 5.68 0.91
CA SER A 5 -1.60 5.04 0.64
C SER A 5 -2.76 5.87 1.24
N GLY A 6 -3.79 6.10 0.44
CA GLY A 6 -4.96 6.82 0.91
C GLY A 6 -4.81 8.32 0.98
N LYS A 7 -3.60 8.84 0.83
CA LYS A 7 -3.36 10.28 0.89
C LYS A 7 -3.62 10.94 -0.47
N THR A 8 -4.01 12.21 -0.43
CA THR A 8 -4.31 12.99 -1.62
C THR A 8 -3.28 14.12 -1.76
N LEU A 9 -2.53 14.06 -2.87
CA LEU A 9 -1.50 15.01 -3.20
C LEU A 9 -2.01 15.92 -4.31
N PHE A 10 -1.79 17.22 -4.13
CA PHE A 10 -2.03 18.23 -5.15
C PHE A 10 -0.65 18.72 -5.57
N ILE A 11 -0.24 18.39 -6.81
CA ILE A 11 1.10 18.68 -7.26
C ILE A 11 1.07 19.60 -8.46
N THR A 12 1.74 20.74 -8.34
CA THR A 12 1.71 21.73 -9.43
C THR A 12 2.81 21.37 -10.45
N GLY A 13 2.54 21.61 -11.73
CA GLY A 13 3.56 21.45 -12.78
C GLY A 13 4.00 20.01 -13.03
N ALA A 14 3.16 19.05 -12.67
CA ALA A 14 3.51 17.64 -12.66
C ALA A 14 3.17 16.88 -13.95
N SER A 15 3.05 17.62 -15.06
CA SER A 15 2.92 16.98 -16.38
C SER A 15 4.20 16.28 -16.85
N ARG A 16 5.33 16.65 -16.25
CA ARG A 16 6.66 16.20 -16.65
C ARG A 16 7.64 16.43 -15.51
N GLY A 17 8.87 15.96 -15.71
CA GLY A 17 10.01 16.34 -14.89
C GLY A 17 9.86 15.91 -13.45
N ILE A 18 10.39 16.72 -12.55
CA ILE A 18 10.45 16.35 -11.13
C ILE A 18 9.03 16.18 -10.56
N GLY A 19 8.09 17.02 -10.96
CA GLY A 19 6.70 16.91 -10.46
C GLY A 19 6.07 15.56 -10.79
N LEU A 20 6.26 15.16 -12.05
CA LEU A 20 5.75 13.87 -12.49
C LEU A 20 6.40 12.70 -11.71
N ALA A 21 7.72 12.75 -11.53
CA ALA A 21 8.49 11.73 -10.76
C ALA A 21 7.93 11.58 -9.34
N ILE A 22 7.68 12.73 -8.68
CA ILE A 22 7.10 12.72 -7.33
C ILE A 22 5.69 12.11 -7.33
N ALA A 23 4.87 12.54 -8.28
CA ALA A 23 3.54 11.95 -8.53
C ALA A 23 3.57 10.42 -8.63
N LEU A 24 4.49 9.91 -9.42
CA LEU A 24 4.57 8.48 -9.67
C LEU A 24 5.05 7.67 -8.43
N ARG A 25 5.97 8.25 -7.67
CA ARG A 25 6.45 7.60 -6.44
C ARG A 25 5.31 7.52 -5.43
N ALA A 26 4.54 8.59 -5.30
CA ALA A 26 3.32 8.57 -4.46
C ALA A 26 2.26 7.58 -4.96
N ALA A 27 2.05 7.57 -6.28
CA ALA A 27 1.12 6.62 -6.92
C ALA A 27 1.45 5.17 -6.60
N ARG A 28 2.74 4.82 -6.59
CA ARG A 28 3.19 3.46 -6.30
C ARG A 28 2.61 2.96 -4.97
N ASP A 29 2.46 3.88 -4.02
CA ASP A 29 1.81 3.61 -2.71
C ASP A 29 0.28 3.53 -2.73
N GLY A 30 -0.35 3.89 -3.85
CA GLY A 30 -1.80 3.97 -3.92
C GLY A 30 -2.35 5.36 -3.58
N ALA A 31 -1.50 6.38 -3.66
CA ALA A 31 -1.95 7.73 -3.39
C ALA A 31 -2.88 8.23 -4.50
N ASN A 32 -3.78 9.15 -4.10
CA ASN A 32 -4.52 9.99 -5.03
C ASN A 32 -3.63 11.16 -5.40
N VAL A 33 -3.51 11.41 -6.70
CA VAL A 33 -2.69 12.50 -7.16
C VAL A 33 -3.42 13.39 -8.17
N ALA A 34 -3.57 14.66 -7.78
CA ALA A 34 -4.15 15.71 -8.58
C ALA A 34 -2.98 16.41 -9.28
N ILE A 35 -2.91 16.24 -10.59
CA ILE A 35 -1.92 16.87 -11.46
C ILE A 35 -2.47 18.21 -11.95
N ALA A 36 -2.00 19.30 -11.36
CA ALA A 36 -2.50 20.65 -11.62
C ALA A 36 -1.45 21.41 -12.44
N ALA A 37 -1.68 21.51 -13.73
CA ALA A 37 -0.70 22.07 -14.65
C ALA A 37 -1.37 22.67 -15.87
N LYS A 38 -0.62 23.54 -16.53
CA LYS A 38 -1.11 24.26 -17.71
C LYS A 38 -1.20 23.39 -18.95
N SER A 39 -0.29 22.42 -19.11
CA SER A 39 -0.22 21.63 -20.34
C SER A 39 -1.33 20.59 -20.36
N ALA A 40 -2.40 20.88 -21.12
CA ALA A 40 -3.49 19.92 -21.39
C ALA A 40 -3.49 19.33 -22.81
N VAL A 41 -3.11 20.15 -23.78
CA VAL A 41 -3.20 19.79 -25.19
C VAL A 41 -1.80 19.32 -25.60
N ALA A 42 -1.72 18.11 -26.10
CA ALA A 42 -0.44 17.47 -26.42
C ALA A 42 0.34 18.30 -27.43
N ASN A 43 1.59 18.62 -27.09
CA ASN A 43 2.52 19.31 -27.99
C ASN A 43 3.83 18.54 -28.04
N PRO A 44 4.22 18.02 -29.22
CA PRO A 44 5.52 17.34 -29.45
C PRO A 44 6.77 18.13 -29.01
N LYS A 45 6.69 19.46 -29.06
CA LYS A 45 7.78 20.35 -28.67
C LYS A 45 8.07 20.34 -27.17
N LEU A 46 7.07 19.98 -26.37
CA LEU A 46 7.23 19.87 -24.93
C LEU A 46 6.29 18.78 -24.43
N PRO A 47 6.67 17.52 -24.66
CA PRO A 47 5.84 16.35 -24.37
C PRO A 47 5.42 16.24 -22.91
N GLY A 48 4.23 15.67 -22.68
CA GLY A 48 3.71 15.49 -21.36
C GLY A 48 2.57 16.45 -21.17
N THR A 49 1.46 15.92 -20.69
CA THR A 49 0.29 16.71 -20.35
C THR A 49 -0.25 16.21 -19.02
N ILE A 50 -1.19 16.97 -18.49
CA ILE A 50 -1.93 16.54 -17.31
C ILE A 50 -2.57 15.17 -17.55
N HIS A 51 -2.93 14.87 -18.80
CA HIS A 51 -3.65 13.66 -19.09
C HIS A 51 -2.72 12.47 -19.17
N SER A 52 -1.55 12.65 -19.80
CA SER A 52 -0.55 11.59 -19.80
C SER A 52 -0.05 11.32 -18.38
N ALA A 53 0.11 12.39 -17.61
CA ALA A 53 0.55 12.26 -16.21
C ALA A 53 -0.47 11.46 -15.41
N ALA A 54 -1.75 11.80 -15.53
CA ALA A 54 -2.82 11.09 -14.80
C ALA A 54 -2.86 9.60 -15.17
N ALA A 55 -2.72 9.29 -16.46
CA ALA A 55 -2.59 7.90 -16.89
C ALA A 55 -1.37 7.15 -16.33
N ALA A 56 -0.24 7.86 -16.22
CA ALA A 56 0.98 7.28 -15.68
C ALA A 56 0.76 7.00 -14.19
N VAL A 57 0.06 7.94 -13.51
CA VAL A 57 -0.28 7.74 -12.08
C VAL A 57 -1.12 6.46 -11.93
N ASN A 58 -2.11 6.29 -12.78
CA ASN A 58 -3.00 5.13 -12.73
C ASN A 58 -2.20 3.85 -12.98
N ALA A 59 -1.34 3.88 -13.97
CA ALA A 59 -0.51 2.71 -14.31
C ALA A 59 0.52 2.38 -13.21
N ALA A 60 0.98 3.39 -12.45
CA ALA A 60 1.94 3.20 -11.36
C ALA A 60 1.32 2.69 -10.06
N GLY A 61 -0.02 2.69 -10.00
CA GLY A 61 -0.78 2.13 -8.88
C GLY A 61 -1.60 3.10 -8.05
N GLY A 62 -1.76 4.33 -8.54
CA GLY A 62 -2.49 5.34 -7.82
C GLY A 62 -3.77 5.73 -8.52
N GLN A 63 -4.34 6.84 -8.07
CA GLN A 63 -5.56 7.39 -8.66
C GLN A 63 -5.28 8.81 -9.17
N GLY A 64 -5.15 8.96 -10.49
CA GLY A 64 -4.81 10.26 -11.07
C GLY A 64 -6.00 11.16 -11.42
N LEU A 65 -5.86 12.45 -11.18
CA LEU A 65 -6.85 13.45 -11.59
C LEU A 65 -6.12 14.55 -12.39
N ALA A 66 -6.49 14.67 -13.66
CA ALA A 66 -5.92 15.69 -14.53
C ALA A 66 -6.69 16.99 -14.40
N LEU A 67 -6.01 18.07 -13.99
CA LEU A 67 -6.65 19.38 -13.75
C LEU A 67 -5.92 20.45 -14.54
N LYS A 68 -6.63 21.05 -15.50
CA LYS A 68 -6.09 22.17 -16.27
C LYS A 68 -5.99 23.34 -15.33
N CYS A 69 -4.77 23.74 -15.04
CA CYS A 69 -4.52 24.76 -14.04
C CYS A 69 -3.24 25.50 -14.38
N ASP A 70 -3.42 26.66 -14.98
CA ASP A 70 -2.39 27.66 -15.12
C ASP A 70 -2.29 28.39 -13.79
N ILE A 71 -1.25 28.09 -13.01
CA ILE A 71 -1.22 28.58 -11.61
C ILE A 71 -0.96 30.10 -11.55
N ARG A 72 -0.73 30.72 -12.70
CA ARG A 72 -0.73 32.19 -12.76
C ARG A 72 -2.15 32.75 -12.57
N GLU A 73 -3.18 31.90 -12.72
CA GLU A 73 -4.58 32.33 -12.57
C GLU A 73 -5.24 31.81 -11.31
N GLU A 74 -5.45 32.72 -10.35
CA GLU A 74 -6.11 32.38 -9.10
C GLU A 74 -7.41 31.58 -9.29
N ASP A 75 -8.24 31.94 -10.27
CA ASP A 75 -9.51 31.24 -10.45
C ASP A 75 -9.31 29.77 -10.86
N GLN A 76 -8.30 29.51 -11.69
CA GLN A 76 -7.94 28.14 -12.08
C GLN A 76 -7.40 27.32 -10.90
N VAL A 77 -6.59 27.95 -10.04
CA VAL A 77 -6.09 27.30 -8.84
C VAL A 77 -7.24 26.92 -7.93
N ARG A 78 -8.15 27.87 -7.69
CA ARG A 78 -9.29 27.65 -6.82
CA ARG A 78 -9.24 27.61 -6.79
C ARG A 78 -10.16 26.54 -7.38
N ALA A 79 -10.43 26.59 -8.68
CA ALA A 79 -11.27 25.57 -9.32
C ALA A 79 -10.59 24.19 -9.21
N ALA A 80 -9.28 24.14 -9.43
CA ALA A 80 -8.57 22.86 -9.33
C ALA A 80 -8.57 22.26 -7.89
N VAL A 81 -8.45 23.12 -6.87
CA VAL A 81 -8.51 22.68 -5.47
C VAL A 81 -9.90 22.13 -5.12
N ALA A 82 -10.94 22.83 -5.53
CA ALA A 82 -12.34 22.36 -5.33
C ALA A 82 -12.61 21.04 -6.05
N ALA A 83 -12.12 20.89 -7.29
CA ALA A 83 -12.22 19.62 -8.01
C ALA A 83 -11.55 18.48 -7.24
N THR A 84 -10.34 18.74 -6.73
CA THR A 84 -9.59 17.73 -5.97
C THR A 84 -10.38 17.29 -4.73
N VAL A 85 -10.91 18.26 -3.98
CA VAL A 85 -11.69 17.98 -2.78
C VAL A 85 -12.98 17.23 -3.16
N ASP A 86 -13.64 17.67 -4.23
CA ASP A 86 -14.83 16.97 -4.70
CA ASP A 86 -14.83 16.97 -4.76
C ASP A 86 -14.53 15.52 -5.11
N THR A 87 -13.41 15.29 -5.81
CA THR A 87 -13.09 13.96 -6.28
C THR A 87 -12.62 13.03 -5.13
N PHE A 88 -11.77 13.52 -4.25
CA PHE A 88 -11.06 12.68 -3.29
C PHE A 88 -11.44 12.90 -1.82
N GLY A 89 -12.14 14.00 -1.52
CA GLY A 89 -12.66 14.26 -0.19
C GLY A 89 -11.84 15.22 0.64
N GLY A 90 -10.62 15.52 0.18
CA GLY A 90 -9.76 16.43 0.90
C GLY A 90 -8.43 16.59 0.21
N ILE A 91 -7.55 17.36 0.85
CA ILE A 91 -6.18 17.48 0.39
C ILE A 91 -5.27 17.28 1.58
N ASP A 92 -4.38 16.30 1.47
CA ASP A 92 -3.40 15.99 2.51
C ASP A 92 -2.05 16.68 2.32
N ILE A 93 -1.68 16.89 1.07
CA ILE A 93 -0.32 17.28 0.69
C ILE A 93 -0.39 18.22 -0.48
N LEU A 94 0.25 19.39 -0.36
CA LEU A 94 0.53 20.27 -1.52
C LEU A 94 2.02 20.20 -1.83
N VAL A 95 2.36 19.89 -3.08
CA VAL A 95 3.74 20.01 -3.57
C VAL A 95 3.82 21.16 -4.58
N ASN A 96 4.54 22.21 -4.20
CA ASN A 96 4.78 23.38 -5.04
C ASN A 96 6.02 23.07 -5.90
N ASN A 97 5.79 22.52 -7.07
CA ASN A 97 6.85 22.11 -7.98
C ASN A 97 7.05 23.06 -9.14
N ALA A 98 5.95 23.62 -9.67
CA ALA A 98 6.01 24.45 -10.86
C ALA A 98 7.11 25.52 -10.70
N SER A 99 7.94 25.63 -11.73
CA SER A 99 9.05 26.60 -11.71
C SER A 99 9.43 26.99 -13.15
N ALA A 100 9.78 28.25 -13.36
CA ALA A 100 10.34 28.72 -14.66
C ALA A 100 11.73 29.25 -14.36
N ILE A 101 12.68 29.03 -15.29
CA ILE A 101 14.08 29.40 -15.10
C ILE A 101 14.64 30.20 -16.29
N TRP A 102 15.53 31.14 -15.97
CA TRP A 102 16.19 32.01 -16.95
C TRP A 102 17.38 32.62 -16.24
N LEU A 103 18.59 32.31 -16.69
CA LEU A 103 19.78 32.65 -15.94
C LEU A 103 20.52 33.92 -16.40
N ARG A 104 19.90 34.75 -17.23
CA ARG A 104 20.54 35.98 -17.72
CA ARG A 104 20.59 35.95 -17.70
C ARG A 104 20.46 37.14 -16.73
N GLY A 105 21.34 38.11 -16.96
CA GLY A 105 21.38 39.34 -16.18
C GLY A 105 20.19 40.26 -16.48
N THR A 106 20.15 41.34 -15.74
CA THR A 106 18.96 42.17 -15.72
C THR A 106 18.63 42.87 -17.05
N LEU A 107 19.66 43.32 -17.76
CA LEU A 107 19.43 44.01 -19.05
C LEU A 107 19.02 43.00 -20.10
N ASP A 108 19.26 41.71 -19.84
CA ASP A 108 18.95 40.61 -20.75
C ASP A 108 17.76 39.73 -20.34
N THR A 109 16.91 40.29 -19.48
CA THR A 109 15.71 39.64 -18.99
C THR A 109 14.50 40.54 -19.33
N PRO A 110 13.79 40.24 -20.43
CA PRO A 110 12.59 40.99 -20.80
C PRO A 110 11.56 40.88 -19.71
N LYS A 112 8.50 40.26 -19.80
CA LYS A 112 7.68 39.06 -20.01
C LYS A 112 8.29 37.86 -19.26
N ARG A 113 9.61 37.72 -19.37
CA ARG A 113 10.32 36.61 -18.75
C ARG A 113 10.40 36.76 -17.23
N PHE A 114 10.73 37.97 -16.77
CA PHE A 114 10.73 38.29 -15.34
C PHE A 114 9.37 37.94 -14.71
N ASP A 115 8.31 38.38 -15.38
CA ASP A 115 6.94 38.19 -14.87
C ASP A 115 6.56 36.71 -14.85
N LEU A 116 6.91 35.98 -15.89
CA LEU A 116 6.64 34.52 -15.92
C LEU A 116 7.23 33.84 -14.67
N GLN A 118 8.23 35.28 -11.69
CA GLN A 118 7.61 35.71 -10.41
C GLN A 118 6.23 35.06 -10.23
N GLN A 119 5.47 34.97 -11.30
CA GLN A 119 4.09 34.48 -11.25
C GLN A 119 4.03 32.96 -11.05
N VAL A 120 4.92 32.23 -11.70
CA VAL A 120 4.88 30.79 -11.61
C VAL A 120 5.53 30.29 -10.32
N ASN A 121 6.61 30.95 -9.89
CA ASN A 121 7.42 30.49 -8.79
C ASN A 121 6.85 31.01 -7.47
N ALA A 122 7.30 32.18 -7.01
CA ALA A 122 6.88 32.69 -5.69
C ALA A 122 5.37 32.88 -5.59
N ARG A 123 4.78 33.57 -6.56
CA ARG A 123 3.32 33.79 -6.50
C ARG A 123 2.53 32.47 -6.58
N GLY A 124 2.93 31.57 -7.49
CA GLY A 124 2.26 30.29 -7.66
C GLY A 124 2.22 29.49 -6.35
N SER A 125 3.35 29.44 -5.64
CA SER A 125 3.44 28.80 -4.32
C SER A 125 2.54 29.46 -3.28
N PHE A 126 2.52 30.79 -3.26
CA PHE A 126 1.65 31.53 -2.35
C PHE A 126 0.14 31.28 -2.60
N VAL A 127 -0.30 31.40 -3.85
CA VAL A 127 -1.71 31.24 -4.16
C VAL A 127 -2.14 29.76 -3.96
N CYS A 128 -1.27 28.81 -4.32
CA CYS A 128 -1.64 27.40 -4.11
C CYS A 128 -1.74 27.08 -2.61
N ALA A 129 -0.80 27.59 -1.82
CA ALA A 129 -0.84 27.42 -0.37
C ALA A 129 -2.13 28.06 0.19
N GLN A 130 -2.42 29.26 -0.27
CA GLN A 130 -3.59 29.98 0.22
C GLN A 130 -4.87 29.19 -0.05
N ALA A 131 -4.98 28.64 -1.25
CA ALA A 131 -6.17 27.88 -1.68
C ALA A 131 -6.26 26.51 -0.97
N CYS A 132 -5.12 25.84 -0.78
CA CYS A 132 -5.09 24.52 -0.16
C CYS A 132 -5.22 24.54 1.36
N LEU A 133 -4.77 25.59 2.00
CA LEU A 133 -4.61 25.56 3.47
C LEU A 133 -5.91 25.22 4.24
N PRO A 134 -7.02 25.83 3.85
CA PRO A 134 -8.29 25.49 4.55
C PRO A 134 -8.58 23.99 4.60
N HIS A 135 -8.21 23.26 3.55
CA HIS A 135 -8.35 21.81 3.49
C HIS A 135 -7.19 21.08 4.18
N LEU A 136 -5.96 21.51 3.94
CA LEU A 136 -4.81 20.97 4.66
C LEU A 136 -5.02 21.01 6.19
N LEU A 137 -5.54 22.12 6.70
CA LEU A 137 -5.74 22.28 8.14
C LEU A 137 -6.70 21.25 8.74
N GLN A 138 -7.55 20.65 7.90
CA GLN A 138 -8.48 19.60 8.33
C GLN A 138 -7.94 18.17 8.18
N ALA A 139 -6.75 18.02 7.57
CA ALA A 139 -6.16 16.70 7.34
C ALA A 139 -5.38 16.20 8.56
N PRO A 140 -5.16 14.87 8.66
CA PRO A 140 -4.44 14.35 9.83
C PRO A 140 -2.93 14.62 9.86
N ASN A 141 -2.31 14.71 8.68
CA ASN A 141 -0.89 14.88 8.60
C ASN A 141 -0.49 15.84 7.46
N PRO A 142 -0.96 17.10 7.53
CA PRO A 142 -0.82 17.97 6.34
C PRO A 142 0.61 18.42 6.09
N HIS A 143 1.00 18.39 4.80
CA HIS A 143 2.28 18.89 4.34
C HIS A 143 2.09 19.92 3.24
N ILE A 144 2.92 20.95 3.25
CA ILE A 144 3.20 21.74 2.06
C ILE A 144 4.68 21.57 1.81
N LEU A 145 5.04 21.05 0.64
CA LEU A 145 6.45 20.85 0.29
C LEU A 145 6.77 21.67 -0.95
N THR A 146 7.60 22.69 -0.78
CA THR A 146 8.00 23.55 -1.88
C THR A 146 9.39 23.19 -2.36
N LEU A 147 9.53 23.07 -3.67
CA LEU A 147 10.81 22.71 -4.26
C LEU A 147 11.61 24.00 -4.50
N ALA A 148 12.39 24.33 -3.49
CA ALA A 148 13.11 25.60 -3.41
C ALA A 148 14.32 25.43 -2.48
N PRO A 149 15.33 26.27 -2.66
CA PRO A 149 16.53 26.16 -1.87
C PRO A 149 16.42 26.80 -0.48
N PRO A 150 17.37 26.51 0.41
CA PRO A 150 17.48 27.27 1.66
C PRO A 150 17.58 28.79 1.36
N PRO A 151 16.89 29.64 2.14
CA PRO A 151 17.03 31.07 1.85
C PRO A 151 18.47 31.59 2.04
N SER A 152 18.89 32.51 1.18
CA SER A 152 20.23 33.05 1.23
C SER A 152 20.28 34.49 0.74
N LEU A 153 21.11 35.28 1.41
CA LEU A 153 21.41 36.64 1.01
C LEU A 153 22.76 36.78 0.30
N ASN A 154 23.27 35.66 -0.24
CA ASN A 154 24.55 35.64 -0.94
C ASN A 154 24.59 36.62 -2.16
N PRO A 155 25.34 37.73 -2.06
CA PRO A 155 25.26 38.72 -3.14
C PRO A 155 25.66 38.19 -4.52
N ALA A 156 26.64 37.29 -4.58
CA ALA A 156 27.05 36.63 -5.86
C ALA A 156 25.90 35.91 -6.55
N TRP A 157 25.11 35.18 -5.77
CA TRP A 157 23.94 34.48 -6.28
C TRP A 157 22.87 35.44 -6.81
N TRP A 158 22.62 36.49 -6.05
CA TRP A 158 21.67 37.52 -6.47
C TRP A 158 22.10 38.28 -7.73
N GLY A 159 23.37 38.63 -7.80
CA GLY A 159 23.88 39.36 -8.95
C GLY A 159 23.97 38.51 -10.21
N ALA A 160 24.04 37.18 -10.04
CA ALA A 160 24.24 36.28 -11.17
C ALA A 160 23.07 36.25 -12.13
N HIS A 161 21.86 36.40 -11.59
CA HIS A 161 20.61 36.35 -12.35
C HIS A 161 19.51 36.80 -11.41
N THR A 162 19.42 38.11 -11.24
CA THR A 162 18.56 38.68 -10.20
C THR A 162 17.09 38.26 -10.38
N GLY A 163 16.62 38.24 -11.62
CA GLY A 163 15.22 37.87 -11.88
C GLY A 163 14.89 36.45 -11.39
N TYR A 164 15.77 35.51 -11.73
CA TYR A 164 15.53 34.12 -11.32
C TYR A 164 15.73 33.91 -9.82
N THR A 165 16.76 34.56 -9.27
CA THR A 165 17.04 34.40 -7.85
C THR A 165 15.85 34.98 -7.07
N LEU A 166 15.34 36.14 -7.48
CA LEU A 166 14.16 36.72 -6.86
C LEU A 166 13.02 35.72 -6.90
N ALA A 167 12.76 35.10 -8.06
CA ALA A 167 11.59 34.24 -8.16
C ALA A 167 11.76 32.93 -7.37
N LYS A 168 12.96 32.36 -7.40
CA LYS A 168 13.21 31.06 -6.77
C LYS A 168 13.38 31.22 -5.25
N GLY A 170 12.09 33.53 -3.71
CA GLY A 170 10.73 33.92 -3.37
C GLY A 170 9.93 32.75 -2.87
N SER A 172 11.27 30.10 -1.55
CA SER A 172 11.91 29.83 -0.25
C SER A 172 11.38 30.73 0.84
N LEU A 173 11.22 32.01 0.54
CA LEU A 173 10.79 33.00 1.55
C LEU A 173 9.28 32.93 1.81
N VAL A 174 8.50 32.60 0.78
CA VAL A 174 7.09 32.26 1.00
C VAL A 174 6.98 31.03 1.93
N THR A 175 7.81 30.01 1.70
CA THR A 175 7.86 28.84 2.60
C THR A 175 8.20 29.26 4.04
N LEU A 176 9.21 30.10 4.18
CA LEU A 176 9.65 30.64 5.47
C LEU A 176 8.47 31.33 6.20
N GLY A 177 7.75 32.20 5.50
CA GLY A 177 6.61 32.91 6.11
C GLY A 177 5.42 32.01 6.41
N LEU A 178 5.05 31.17 5.44
CA LEU A 178 3.95 30.20 5.64
C LEU A 178 4.22 29.31 6.83
N ALA A 179 5.46 28.81 6.93
CA ALA A 179 5.88 27.94 8.04
C ALA A 179 5.77 28.67 9.40
N ALA A 180 6.19 29.93 9.44
CA ALA A 180 6.10 30.75 10.65
C ALA A 180 4.64 30.95 11.05
N GLU A 181 3.77 31.16 10.07
CA GLU A 181 2.35 31.44 10.34
C GLU A 181 1.55 30.18 10.69
N PHE A 182 1.68 29.13 9.88
CA PHE A 182 0.80 27.97 9.95
C PHE A 182 1.44 26.71 10.52
N GLY A 183 2.77 26.66 10.54
CA GLY A 183 3.50 25.54 11.12
C GLY A 183 3.04 25.21 12.54
N PRO A 184 2.91 26.25 13.38
CA PRO A 184 2.38 26.02 14.72
C PRO A 184 0.92 25.54 14.77
N GLN A 185 0.21 25.57 13.64
CA GLN A 185 -1.14 25.00 13.55
C GLN A 185 -1.15 23.52 13.06
N GLY A 186 0.04 22.91 12.99
CA GLY A 186 0.19 21.50 12.66
C GLY A 186 0.56 21.15 11.22
N VAL A 187 0.78 22.16 10.37
CA VAL A 187 1.07 21.94 8.95
C VAL A 187 2.59 21.85 8.79
N ALA A 188 3.10 20.76 8.20
CA ALA A 188 4.53 20.63 7.88
C ALA A 188 4.88 21.39 6.61
N ILE A 189 5.34 22.62 6.77
CA ILE A 189 5.60 23.51 5.62
C ILE A 189 7.13 23.60 5.51
N ASN A 190 7.69 22.94 4.50
CA ASN A 190 9.12 22.81 4.34
C ASN A 190 9.50 22.95 2.88
N ALA A 191 10.81 22.98 2.59
CA ALA A 191 11.32 22.98 1.22
C ALA A 191 12.27 21.81 1.01
N LEU A 192 12.39 21.40 -0.25
CA LEU A 192 13.32 20.33 -0.63
C LEU A 192 14.04 20.77 -1.90
N TRP A 193 15.36 20.60 -1.92
CA TRP A 193 16.16 21.05 -3.04
C TRP A 193 17.24 20.00 -3.40
N PRO A 194 17.52 19.79 -4.71
CA PRO A 194 18.57 18.82 -5.06
C PRO A 194 20.00 19.32 -4.89
N ARG A 195 20.87 18.45 -4.39
CA ARG A 195 22.32 18.75 -4.33
C ARG A 195 22.91 19.08 -5.69
N THR A 196 22.51 18.32 -6.69
CA THR A 196 23.01 18.45 -8.06
C THR A 196 21.94 19.02 -8.97
N VAL A 197 22.35 19.37 -10.17
CA VAL A 197 21.42 19.58 -11.25
C VAL A 197 20.69 18.28 -11.59
N ILE A 198 19.40 18.41 -11.89
CA ILE A 198 18.55 17.30 -12.28
C ILE A 198 18.23 17.40 -13.77
N ALA A 199 18.42 16.29 -14.48
CA ALA A 199 18.11 16.20 -15.89
C ALA A 199 16.60 16.13 -16.13
N THR A 200 16.04 17.18 -16.70
CA THR A 200 14.62 17.29 -17.02
C THR A 200 14.49 18.07 -18.32
N GLY A 208 24.17 25.12 -22.26
CA GLY A 208 25.45 24.44 -22.04
C GLY A 208 25.48 23.43 -20.90
N VAL A 209 24.29 23.09 -20.38
CA VAL A 209 24.15 22.12 -19.29
C VAL A 209 23.93 20.71 -19.85
N ASP A 210 24.80 19.80 -19.41
CA ASP A 210 24.95 18.49 -19.98
C ASP A 210 24.24 17.50 -19.06
N ALA A 211 23.21 16.81 -19.58
CA ALA A 211 22.45 15.82 -18.81
C ALA A 211 23.30 14.69 -18.25
N ALA A 212 24.41 14.36 -18.90
CA ALA A 212 25.31 13.34 -18.38
C ALA A 212 25.95 13.71 -17.05
N ALA A 213 26.00 15.00 -16.73
CA ALA A 213 26.61 15.47 -15.48
C ALA A 213 25.52 15.68 -14.42
N CYS A 214 24.33 15.16 -14.69
CA CYS A 214 23.16 15.39 -13.82
C CYS A 214 22.68 14.11 -13.15
N ARG A 215 21.70 14.27 -12.26
CA ARG A 215 20.99 13.12 -11.68
C ARG A 215 19.59 13.08 -12.30
N ARG A 216 18.98 11.91 -12.27
CA ARG A 216 17.63 11.70 -12.72
C ARG A 216 16.64 12.21 -11.67
N PRO A 217 15.42 12.60 -12.12
CA PRO A 217 14.40 13.15 -11.20
C PRO A 217 13.91 12.21 -10.08
N GLU A 218 14.16 10.91 -10.22
CA GLU A 218 13.78 9.96 -9.19
C GLU A 218 14.45 10.23 -7.83
N ILE A 219 15.64 10.84 -7.82
CA ILE A 219 16.27 11.18 -6.52
C ILE A 219 15.35 12.14 -5.72
N ALA A 221 12.07 12.47 -6.31
CA ALA A 221 10.83 11.74 -6.01
C ALA A 221 10.97 10.96 -4.70
N ASP A 222 12.06 10.22 -4.58
CA ASP A 222 12.35 9.39 -3.42
C ASP A 222 12.58 10.27 -2.19
N ALA A 223 13.31 11.38 -2.36
CA ALA A 223 13.53 12.32 -1.24
C ALA A 223 12.19 12.94 -0.76
N ALA A 224 11.34 13.33 -1.71
CA ALA A 224 10.02 13.89 -1.40
C ALA A 224 9.20 12.89 -0.60
N HIS A 225 9.24 11.63 -1.01
CA HIS A 225 8.50 10.58 -0.32
C HIS A 225 8.90 10.50 1.17
N ALA A 226 10.22 10.51 1.37
CA ALA A 226 10.85 10.47 2.71
C ALA A 226 10.43 11.64 3.58
N VAL A 227 10.22 12.81 2.96
CA VAL A 227 9.76 13.98 3.69
C VAL A 227 8.27 13.85 3.99
N LEU A 228 7.48 13.50 2.97
CA LEU A 228 6.02 13.58 3.02
C LEU A 228 5.36 12.51 3.94
N THR A 229 6.09 11.43 4.20
CA THR A 229 5.65 10.38 5.13
C THR A 229 6.00 10.65 6.61
N ARG A 230 6.75 11.71 6.85
CA ARG A 230 7.08 12.16 8.21
CA ARG A 230 7.05 12.07 8.21
C ARG A 230 5.85 12.67 8.94
N GLU A 231 5.84 12.52 10.25
CA GLU A 231 4.86 13.24 11.07
C GLU A 231 5.01 14.75 10.85
N ALA A 232 3.88 15.43 10.61
CA ALA A 232 3.90 16.85 10.26
C ALA A 232 4.01 17.73 11.50
N ALA A 233 3.38 17.29 12.60
CA ALA A 233 3.39 18.02 13.86
C ALA A 233 4.83 18.28 14.27
N GLY A 234 5.14 19.55 14.50
CA GLY A 234 6.47 19.97 14.92
C GLY A 234 7.55 19.98 13.86
N PHE A 235 7.19 19.77 12.61
CA PHE A 235 8.16 19.65 11.51
C PHE A 235 7.86 20.74 10.48
N HIS A 236 8.43 21.92 10.65
CA HIS A 236 8.18 23.01 9.72
C HIS A 236 9.32 24.01 9.66
N GLY A 237 9.39 24.76 8.57
CA GLY A 237 10.41 25.80 8.40
C GLY A 237 11.78 25.23 8.07
N GLN A 238 11.81 23.96 7.62
CA GLN A 238 13.07 23.29 7.28
C GLN A 238 13.32 23.38 5.77
N PHE A 239 14.60 23.59 5.41
CA PHE A 239 15.05 23.63 4.03
C PHE A 239 16.02 22.47 3.83
N LEU A 240 15.53 21.44 3.18
CA LEU A 240 16.14 20.12 3.16
C LEU A 240 16.76 19.87 1.80
N ILE A 241 17.76 18.99 1.77
CA ILE A 241 18.46 18.63 0.54
C ILE A 241 18.25 17.14 0.31
N ASP A 242 18.01 16.76 -0.94
CA ASP A 242 17.70 15.37 -1.31
C ASP A 242 18.69 14.32 -0.74
N ASP A 243 19.98 14.54 -0.89
CA ASP A 243 20.99 13.53 -0.50
C ASP A 243 20.94 13.29 1.01
N GLU A 244 20.78 14.38 1.75
CA GLU A 244 20.71 14.30 3.22
C GLU A 244 19.42 13.63 3.69
N VAL A 245 18.30 14.01 3.07
CA VAL A 245 17.03 13.36 3.36
C VAL A 245 17.09 11.86 3.14
N LEU A 246 17.70 11.45 2.02
CA LEU A 246 17.74 10.06 1.67
C LEU A 246 18.66 9.29 2.64
N ALA A 247 19.76 9.89 3.04
CA ALA A 247 20.70 9.25 4.00
C ALA A 247 19.98 8.94 5.29
N GLN A 248 19.22 9.91 5.76
CA GLN A 248 18.47 9.80 7.02
C GLN A 248 17.42 8.70 6.92
N ALA A 249 16.90 8.50 5.70
CA ALA A 249 15.91 7.48 5.41
C ALA A 249 16.53 6.13 5.13
N GLY A 250 17.85 6.02 5.10
CA GLY A 250 18.50 4.75 4.88
C GLY A 250 18.89 4.46 3.44
N ILE A 251 18.79 5.47 2.58
CA ILE A 251 19.22 5.32 1.20
C ILE A 251 20.52 6.06 1.10
N THR A 252 21.62 5.30 1.11
CA THR A 252 22.97 5.83 1.20
C THR A 252 23.77 5.65 -0.09
N ASP A 253 23.35 4.71 -0.94
CA ASP A 253 23.99 4.51 -2.23
C ASP A 253 23.24 5.28 -3.30
N LEU A 254 23.80 6.42 -3.70
CA LEU A 254 23.14 7.30 -4.68
C LEU A 254 23.62 7.11 -6.12
N SER A 255 24.54 6.17 -6.34
CA SER A 255 25.10 5.93 -7.68
C SER A 255 24.05 5.68 -8.76
N GLY A 256 22.97 4.97 -8.41
CA GLY A 256 21.90 4.65 -9.36
C GLY A 256 21.12 5.83 -9.89
N TYR A 257 21.21 6.97 -9.20
CA TYR A 257 20.49 8.17 -9.64
C TYR A 257 21.23 8.97 -10.70
N ALA A 258 22.48 8.61 -10.96
CA ALA A 258 23.31 9.37 -11.86
C ALA A 258 22.91 9.04 -13.30
N VAL A 259 22.76 10.05 -14.15
CA VAL A 259 22.57 9.81 -15.60
C VAL A 259 23.78 9.04 -16.17
N ASP A 260 24.98 9.54 -15.90
CA ASP A 260 26.24 8.86 -16.24
C ASP A 260 27.11 8.83 -14.99
N PRO A 261 27.21 7.66 -14.33
CA PRO A 261 27.99 7.56 -13.09
C PRO A 261 29.52 7.78 -13.21
N GLN A 262 30.06 7.88 -14.43
CA GLN A 262 31.48 8.20 -14.61
C GLN A 262 31.78 9.70 -14.64
N ARG A 263 30.74 10.55 -14.59
CA ARG A 263 30.92 12.00 -14.69
C ARG A 263 30.91 12.67 -13.33
N ALA A 264 31.72 13.72 -13.19
CA ALA A 264 31.61 14.63 -12.05
C ALA A 264 30.25 15.33 -12.13
N LEU A 265 29.51 15.34 -11.03
CA LEU A 265 28.14 15.88 -11.06
C LEU A 265 28.17 17.41 -11.03
N LEU A 266 27.23 18.02 -11.74
CA LEU A 266 27.08 19.47 -11.71
C LEU A 266 26.40 19.83 -10.40
N PRO A 267 26.98 20.78 -9.66
CA PRO A 267 26.32 21.25 -8.43
C PRO A 267 25.10 22.11 -8.76
N ASP A 268 24.06 21.99 -7.94
CA ASP A 268 22.83 22.75 -8.12
C ASP A 268 23.13 24.20 -7.76
N LEU A 269 22.36 25.10 -8.37
CA LEU A 269 22.35 26.49 -7.95
C LEU A 269 21.95 26.55 -6.48
N PHE A 270 22.44 27.57 -5.79
CA PHE A 270 21.87 28.02 -4.50
C PHE A 270 22.20 27.11 -3.32
N LEU A 271 23.30 26.39 -3.46
CA LEU A 271 23.90 25.64 -2.35
C LEU A 271 25.38 25.94 -2.31
N GLU A 272 25.88 26.25 -1.13
CA GLU A 272 27.31 26.42 -0.94
C GLU A 272 28.00 25.04 -1.04
N GLU A 273 29.21 25.03 -1.59
CA GLU A 273 30.03 23.81 -1.65
C GLU A 273 31.08 23.89 -0.54
N GLY A 274 31.15 22.86 0.30
CA GLY A 274 32.10 22.84 1.44
C GLY A 274 33.51 22.47 1.03
N THR B 3 -11.42 -23.13 26.58
CA THR B 3 -12.14 -23.01 25.29
C THR B 3 -13.29 -22.02 25.29
N LEU B 4 -13.46 -21.29 24.19
CA LEU B 4 -14.65 -20.47 24.01
C LEU B 4 -15.75 -21.18 23.19
N SER B 5 -15.64 -22.50 23.10
CA SER B 5 -16.60 -23.31 22.34
C SER B 5 -18.00 -23.05 22.88
N GLY B 6 -18.94 -22.71 21.99
CA GLY B 6 -20.33 -22.50 22.36
C GLY B 6 -20.62 -21.23 23.14
N LYS B 7 -19.60 -20.41 23.37
CA LYS B 7 -19.78 -19.12 24.05
C LYS B 7 -20.20 -18.07 23.03
N THR B 8 -21.02 -17.11 23.45
CA THR B 8 -21.50 -16.06 22.56
C THR B 8 -20.84 -14.73 22.92
N LEU B 9 -20.01 -14.27 22.01
CA LEU B 9 -19.31 -12.97 22.05
C LEU B 9 -20.04 -11.91 21.21
N PHE B 10 -20.20 -10.73 21.78
CA PHE B 10 -20.74 -9.57 21.12
C PHE B 10 -19.55 -8.61 21.02
N ILE B 11 -19.10 -8.32 19.81
CA ILE B 11 -17.83 -7.60 19.62
C ILE B 11 -18.10 -6.40 18.73
N THR B 12 -17.83 -5.20 19.25
CA THR B 12 -18.14 -3.98 18.52
C THR B 12 -16.98 -3.71 17.58
N GLY B 13 -17.27 -3.16 16.41
CA GLY B 13 -16.23 -2.76 15.47
C GLY B 13 -15.41 -3.89 14.90
N ALA B 14 -15.99 -5.10 14.83
CA ALA B 14 -15.26 -6.32 14.49
C ALA B 14 -15.25 -6.66 12.97
N SER B 15 -15.50 -5.66 12.13
CA SER B 15 -15.42 -5.85 10.69
C SER B 15 -13.97 -5.99 10.22
N ARG B 16 -13.02 -5.47 11.01
CA ARG B 16 -11.59 -5.43 10.65
C ARG B 16 -10.76 -5.27 11.92
N GLY B 17 -9.44 -5.31 11.78
CA GLY B 17 -8.55 -4.91 12.85
C GLY B 17 -8.57 -5.82 14.06
N ILE B 18 -8.36 -5.22 15.23
CA ILE B 18 -8.29 -5.99 16.46
C ILE B 18 -9.60 -6.74 16.74
N GLY B 19 -10.73 -6.09 16.53
CA GLY B 19 -12.02 -6.74 16.77
C GLY B 19 -12.19 -7.98 15.93
N LEU B 20 -11.86 -7.88 14.63
CA LEU B 20 -11.88 -9.05 13.74
C LEU B 20 -10.95 -10.15 14.21
N ALA B 21 -9.77 -9.77 14.68
CA ALA B 21 -8.77 -10.75 15.11
C ALA B 21 -9.33 -11.56 16.29
N ILE B 22 -9.95 -10.85 17.24
CA ILE B 22 -10.54 -11.48 18.40
C ILE B 22 -11.67 -12.41 17.96
N ALA B 23 -12.53 -11.90 17.07
CA ALA B 23 -13.62 -12.69 16.49
C ALA B 23 -13.10 -14.03 15.93
N LEU B 24 -12.04 -13.98 15.13
CA LEU B 24 -11.52 -15.18 14.46
C LEU B 24 -10.83 -16.15 15.44
N ARG B 25 -10.19 -15.61 16.47
CA ARG B 25 -9.56 -16.44 17.47
C ARG B 25 -10.63 -17.22 18.26
N ALA B 26 -11.74 -16.56 18.57
CA ALA B 26 -12.85 -17.15 19.28
C ALA B 26 -13.55 -18.19 18.38
N ALA B 27 -13.69 -17.86 17.09
CA ALA B 27 -14.33 -18.75 16.11
C ALA B 27 -13.61 -20.10 15.99
N ARG B 28 -12.29 -20.05 15.98
CA ARG B 28 -11.43 -21.24 15.97
CA ARG B 28 -11.50 -21.27 15.91
C ARG B 28 -11.82 -22.26 17.05
N ASP B 29 -12.33 -21.76 18.18
CA ASP B 29 -12.76 -22.62 19.28
C ASP B 29 -14.19 -23.14 19.09
N GLY B 30 -14.91 -22.59 18.12
CA GLY B 30 -16.32 -22.89 17.91
C GLY B 30 -17.24 -21.92 18.63
N ALA B 31 -16.77 -20.70 18.86
CA ALA B 31 -17.60 -19.69 19.47
C ALA B 31 -18.66 -19.15 18.50
N ASN B 32 -19.76 -18.70 19.07
CA ASN B 32 -20.70 -17.82 18.40
C ASN B 32 -20.23 -16.36 18.52
N VAL B 33 -20.14 -15.64 17.39
CA VAL B 33 -19.68 -14.26 17.40
C VAL B 33 -20.65 -13.33 16.65
N ALA B 34 -21.16 -12.35 17.38
CA ALA B 34 -22.01 -11.29 16.86
C ALA B 34 -21.08 -10.11 16.55
N ILE B 35 -20.92 -9.82 15.26
CA ILE B 35 -20.13 -8.69 14.77
C ILE B 35 -21.03 -7.45 14.65
N ALA B 36 -20.88 -6.52 15.60
CA ALA B 36 -21.73 -5.34 15.65
C ALA B 36 -20.94 -4.12 15.21
N ALA B 37 -21.15 -3.70 13.98
CA ALA B 37 -20.34 -2.65 13.36
C ALA B 37 -21.11 -1.93 12.25
N LYS B 38 -20.61 -0.76 11.84
CA LYS B 38 -21.36 0.11 10.94
C LYS B 38 -21.14 -0.27 9.46
N SER B 39 -20.02 -0.91 9.17
CA SER B 39 -19.68 -1.26 7.79
C SER B 39 -20.43 -2.47 7.30
N ALA B 40 -21.43 -2.24 6.43
CA ALA B 40 -22.20 -3.31 5.80
C ALA B 40 -21.89 -3.50 4.29
N VAL B 41 -21.62 -2.40 3.62
CA VAL B 41 -21.46 -2.39 2.16
C VAL B 41 -19.97 -2.40 1.83
N ALA B 42 -19.55 -3.34 0.99
CA ALA B 42 -18.15 -3.49 0.58
C ALA B 42 -17.58 -2.19 0.01
N ASN B 43 -16.42 -1.79 0.54
CA ASN B 43 -15.72 -0.57 0.16
C ASN B 43 -14.19 -0.83 0.06
N PRO B 44 -13.63 -0.83 -1.17
CA PRO B 44 -12.17 -0.93 -1.32
C PRO B 44 -11.34 0.17 -0.59
N LYS B 45 -11.94 1.34 -0.37
CA LYS B 45 -11.29 2.40 0.42
C LYS B 45 -10.92 1.95 1.84
N LEU B 46 -11.67 1.03 2.41
CA LEU B 46 -11.38 0.52 3.76
C LEU B 46 -12.07 -0.85 3.90
N PRO B 47 -11.38 -1.91 3.44
CA PRO B 47 -12.05 -3.17 3.25
C PRO B 47 -12.52 -3.80 4.56
N GLY B 48 -13.44 -4.75 4.43
CA GLY B 48 -14.01 -5.46 5.59
C GLY B 48 -15.39 -4.94 5.93
N THR B 49 -16.34 -5.85 6.02
CA THR B 49 -17.70 -5.52 6.47
C THR B 49 -18.15 -6.52 7.52
N ILE B 50 -19.30 -6.24 8.14
CA ILE B 50 -19.91 -7.19 9.06
C ILE B 50 -20.17 -8.54 8.39
N HIS B 51 -20.48 -8.50 7.10
CA HIS B 51 -20.80 -9.72 6.33
C HIS B 51 -19.57 -10.55 6.00
N SER B 52 -18.49 -9.90 5.58
CA SER B 52 -17.24 -10.64 5.38
C SER B 52 -16.67 -11.17 6.69
N ALA B 53 -16.88 -10.44 7.77
CA ALA B 53 -16.42 -10.86 9.10
C ALA B 53 -17.23 -12.08 9.60
N ALA B 54 -18.55 -12.04 9.45
CA ALA B 54 -19.39 -13.17 9.84
C ALA B 54 -19.04 -14.43 9.03
N ALA B 55 -18.78 -14.26 7.73
CA ALA B 55 -18.37 -15.35 6.85
C ALA B 55 -17.03 -15.96 7.27
N ALA B 56 -16.09 -15.08 7.67
CA ALA B 56 -14.76 -15.51 8.10
C ALA B 56 -14.82 -16.23 9.45
N VAL B 57 -15.73 -15.79 10.32
CA VAL B 57 -16.06 -16.50 11.57
C VAL B 57 -16.53 -17.93 11.26
N ASN B 58 -17.45 -18.08 10.32
CA ASN B 58 -17.95 -19.40 9.92
C ASN B 58 -16.85 -20.30 9.38
N ALA B 59 -16.00 -19.75 8.53
CA ALA B 59 -14.94 -20.53 7.88
C ALA B 59 -13.87 -20.97 8.88
N ALA B 60 -13.69 -20.18 9.94
CA ALA B 60 -12.70 -20.47 10.99
C ALA B 60 -13.20 -21.53 11.99
N GLY B 61 -14.48 -21.88 11.94
CA GLY B 61 -15.04 -22.94 12.76
C GLY B 61 -16.08 -22.46 13.77
N GLY B 62 -16.49 -21.20 13.66
CA GLY B 62 -17.46 -20.64 14.58
C GLY B 62 -18.80 -20.36 13.92
N GLN B 63 -19.68 -19.68 14.63
CA GLN B 63 -20.97 -19.24 14.05
C GLN B 63 -21.07 -17.72 14.06
N GLY B 64 -21.07 -17.12 12.87
CA GLY B 64 -21.02 -15.68 12.72
C GLY B 64 -22.39 -15.07 12.54
N LEU B 65 -22.61 -13.92 13.15
CA LEU B 65 -23.83 -13.13 12.99
C LEU B 65 -23.47 -11.68 12.67
N ALA B 66 -23.80 -11.22 11.47
CA ALA B 66 -23.45 -9.86 11.06
C ALA B 66 -24.60 -8.93 11.48
N LEU B 67 -24.28 -7.90 12.27
CA LEU B 67 -25.25 -6.94 12.75
C LEU B 67 -24.84 -5.51 12.42
N LYS B 68 -25.69 -4.82 11.67
CA LYS B 68 -25.45 -3.45 11.26
C LYS B 68 -25.77 -2.59 12.47
N CYS B 69 -24.74 -2.01 13.05
CA CYS B 69 -24.86 -1.35 14.34
C CYS B 69 -23.85 -0.21 14.42
N ASP B 70 -24.39 1.01 14.44
CA ASP B 70 -23.63 2.21 14.74
C ASP B 70 -23.77 2.37 16.24
N ILE B 71 -22.67 2.15 16.97
CA ILE B 71 -22.74 2.12 18.44
C ILE B 71 -22.97 3.52 19.03
N ARG B 72 -22.96 4.55 18.18
CA ARG B 72 -23.41 5.89 18.59
C ARG B 72 -24.92 5.95 18.83
N GLU B 73 -25.65 4.96 18.33
CA GLU B 73 -27.10 4.96 18.45
C GLU B 73 -27.61 3.86 19.38
N GLU B 74 -28.18 4.26 20.52
CA GLU B 74 -28.72 3.30 21.50
C GLU B 74 -29.70 2.32 20.87
N ASP B 75 -30.63 2.83 20.06
CA ASP B 75 -31.62 2.03 19.31
CA ASP B 75 -31.63 1.97 19.43
C ASP B 75 -30.98 0.84 18.60
N GLN B 76 -29.91 1.14 17.85
CA GLN B 76 -29.19 0.12 17.11
C GLN B 76 -28.44 -0.88 17.98
N VAL B 77 -27.80 -0.38 19.03
CA VAL B 77 -27.16 -1.26 20.01
C VAL B 77 -28.16 -2.25 20.64
N ARG B 78 -29.32 -1.72 21.06
CA ARG B 78 -30.31 -2.58 21.71
C ARG B 78 -30.85 -3.62 20.73
N ALA B 79 -31.05 -3.22 19.49
CA ALA B 79 -31.56 -4.13 18.46
C ALA B 79 -30.54 -5.23 18.16
N ALA B 80 -29.26 -4.84 18.10
CA ALA B 80 -28.16 -5.77 17.88
C ALA B 80 -28.09 -6.82 18.98
N VAL B 81 -28.19 -6.37 20.23
CA VAL B 81 -28.20 -7.25 21.37
C VAL B 81 -29.39 -8.22 21.35
N ALA B 82 -30.57 -7.69 21.03
CA ALA B 82 -31.79 -8.50 20.90
C ALA B 82 -31.61 -9.58 19.83
N ALA B 83 -31.04 -9.19 18.69
CA ALA B 83 -30.79 -10.11 17.58
C ALA B 83 -29.81 -11.21 18.00
N THR B 84 -28.78 -10.86 18.75
CA THR B 84 -27.80 -11.84 19.24
C THR B 84 -28.48 -12.86 20.15
N VAL B 85 -29.27 -12.34 21.11
CA VAL B 85 -29.98 -13.20 22.06
C VAL B 85 -31.01 -14.09 21.32
N ASP B 86 -31.71 -13.54 20.34
CA ASP B 86 -32.67 -14.31 19.54
C ASP B 86 -31.96 -15.45 18.78
N THR B 87 -30.79 -15.14 18.24
CA THR B 87 -30.07 -16.09 17.40
C THR B 87 -29.32 -17.17 18.19
N PHE B 88 -28.64 -16.77 19.27
CA PHE B 88 -27.76 -17.69 20.03
C PHE B 88 -28.28 -18.02 21.42
N GLY B 89 -29.29 -17.33 21.88
CA GLY B 89 -29.92 -17.66 23.16
C GLY B 89 -29.41 -16.92 24.39
N GLY B 90 -28.32 -16.17 24.23
CA GLY B 90 -27.79 -15.37 25.30
C GLY B 90 -26.54 -14.63 24.86
N ILE B 91 -25.92 -13.95 25.82
CA ILE B 91 -24.64 -13.27 25.61
C ILE B 91 -23.73 -13.63 26.78
N ASP B 92 -22.57 -14.19 26.47
CA ASP B 92 -21.58 -14.61 27.46
C ASP B 92 -20.49 -13.56 27.70
N ILE B 93 -20.17 -12.86 26.62
CA ILE B 93 -18.96 -12.02 26.56
C ILE B 93 -19.27 -10.78 25.72
N LEU B 94 -18.98 -9.61 26.28
CA LEU B 94 -18.97 -8.35 25.55
C LEU B 94 -17.51 -7.90 25.38
N VAL B 95 -17.10 -7.65 24.14
CA VAL B 95 -15.80 -7.02 23.86
C VAL B 95 -16.03 -5.60 23.34
N ASN B 96 -15.64 -4.62 24.14
CA ASN B 96 -15.77 -3.20 23.78
C ASN B 96 -14.50 -2.81 23.01
N ASN B 97 -14.59 -2.86 21.69
CA ASN B 97 -13.49 -2.58 20.78
C ASN B 97 -13.86 -1.32 19.96
N ALA B 98 -13.00 -0.34 19.95
CA ALA B 98 -13.42 0.95 19.36
C ALA B 98 -12.23 1.68 18.83
N SER B 99 -12.41 2.34 17.69
CA SER B 99 -11.34 3.08 17.08
C SER B 99 -11.94 4.39 16.67
N ALA B 100 -11.57 5.45 17.39
CA ALA B 100 -11.74 6.81 16.94
C ALA B 100 -10.67 7.63 17.66
N ILE B 101 -9.72 8.14 16.89
CA ILE B 101 -8.51 8.74 17.44
C ILE B 101 -8.21 10.06 16.74
N TRP B 102 -7.67 11.02 17.49
CA TRP B 102 -7.26 12.32 16.92
C TRP B 102 -6.27 12.96 17.88
N LEU B 103 -4.99 13.02 17.50
CA LEU B 103 -3.93 13.32 18.44
C LEU B 103 -3.52 14.77 18.33
N ARG B 104 -4.48 15.65 18.61
CA ARG B 104 -4.27 17.09 18.48
C ARG B 104 -4.70 17.82 19.72
N GLY B 105 -4.12 19.00 19.87
CA GLY B 105 -4.38 19.87 21.00
C GLY B 105 -5.79 20.43 20.90
N THR B 106 -6.24 21.06 21.98
CA THR B 106 -7.63 21.44 22.08
C THR B 106 -8.11 22.47 21.03
N LEU B 107 -7.27 23.42 20.64
CA LEU B 107 -7.68 24.43 19.65
C LEU B 107 -7.78 23.79 18.26
N ASP B 108 -7.12 22.64 18.07
CA ASP B 108 -7.08 21.92 16.80
C ASP B 108 -7.94 20.64 16.81
N THR B 109 -8.88 20.53 17.76
CA THR B 109 -9.79 19.37 17.85
C THR B 109 -11.23 19.91 17.66
N PRO B 110 -11.77 19.90 16.42
CA PRO B 110 -13.16 20.36 16.19
C PRO B 110 -14.15 19.57 17.02
N LYS B 112 -16.93 18.31 16.26
CA LYS B 112 -17.38 17.11 15.53
C LYS B 112 -16.45 15.91 15.79
N ARG B 113 -15.13 16.13 15.84
CA ARG B 113 -14.15 15.06 16.13
C ARG B 113 -14.23 14.68 17.62
N PHE B 114 -14.27 15.70 18.48
CA PHE B 114 -14.43 15.49 19.92
C PHE B 114 -15.62 14.57 20.17
N ASP B 115 -16.75 14.92 19.59
CA ASP B 115 -18.01 14.16 19.75
C ASP B 115 -17.91 12.75 19.23
N LEU B 116 -17.31 12.59 18.05
CA LEU B 116 -17.16 11.24 17.50
C LEU B 116 -16.39 10.35 18.50
N GLN B 118 -15.91 10.78 21.77
CA GLN B 118 -16.61 10.50 23.03
C GLN B 118 -17.69 9.45 22.84
N GLN B 119 -18.39 9.54 21.72
CA GLN B 119 -19.52 8.67 21.42
C GLN B 119 -19.10 7.21 21.09
N VAL B 120 -18.01 7.04 20.35
CA VAL B 120 -17.57 5.71 19.93
C VAL B 120 -16.83 4.99 21.07
N ASN B 121 -16.06 5.75 21.84
CA ASN B 121 -15.17 5.18 22.84
C ASN B 121 -15.94 5.05 24.16
N ALA B 122 -15.83 6.03 25.05
CA ALA B 122 -16.43 5.95 26.37
C ALA B 122 -17.92 5.63 26.34
N ARG B 123 -18.67 6.39 25.54
CA ARG B 123 -20.13 6.22 25.51
C ARG B 123 -20.48 4.86 24.89
N GLY B 124 -19.79 4.48 23.82
CA GLY B 124 -20.02 3.16 23.21
C GLY B 124 -19.86 2.02 24.20
N SER B 125 -18.79 2.08 24.97
CA SER B 125 -18.55 1.08 26.01
C SER B 125 -19.68 1.01 27.07
N PHE B 126 -20.11 2.18 27.54
CA PHE B 126 -21.19 2.29 28.52
C PHE B 126 -22.55 1.77 28.00
N VAL B 127 -22.95 2.20 26.82
CA VAL B 127 -24.23 1.75 26.24
C VAL B 127 -24.22 0.26 25.91
N CYS B 128 -23.10 -0.25 25.37
CA CYS B 128 -23.02 -1.68 25.09
C CYS B 128 -23.07 -2.53 26.38
N ALA B 129 -22.34 -2.08 27.42
CA ALA B 129 -22.37 -2.72 28.74
C ALA B 129 -23.80 -2.70 29.28
N GLN B 130 -24.44 -1.53 29.24
CA GLN B 130 -25.83 -1.37 29.71
C GLN B 130 -26.80 -2.36 29.04
N ALA B 131 -26.73 -2.42 27.72
CA ALA B 131 -27.59 -3.30 26.91
C ALA B 131 -27.28 -4.80 27.15
N CYS B 132 -26.01 -5.16 27.24
CA CYS B 132 -25.63 -6.57 27.44
C CYS B 132 -25.78 -7.10 28.88
N LEU B 133 -25.65 -6.24 29.88
CA LEU B 133 -25.57 -6.70 31.29
C LEU B 133 -26.72 -7.59 31.77
N PRO B 134 -27.98 -7.25 31.43
CA PRO B 134 -29.09 -8.13 31.84
C PRO B 134 -28.92 -9.56 31.34
N HIS B 135 -28.28 -9.74 30.18
CA HIS B 135 -28.01 -11.06 29.60
C HIS B 135 -26.75 -11.67 30.20
N LEU B 136 -25.69 -10.86 30.36
CA LEU B 136 -24.46 -11.34 30.96
C LEU B 136 -24.75 -11.88 32.38
N LEU B 137 -25.61 -11.20 33.11
CA LEU B 137 -25.90 -11.60 34.49
C LEU B 137 -26.56 -12.99 34.56
N GLN B 138 -27.16 -13.44 33.47
CA GLN B 138 -27.76 -14.77 33.38
C GLN B 138 -26.81 -15.86 32.83
N ALA B 139 -25.61 -15.47 32.41
CA ALA B 139 -24.61 -16.39 31.85
C ALA B 139 -23.77 -17.04 32.95
N PRO B 140 -23.22 -18.24 32.68
CA PRO B 140 -22.41 -18.93 33.70
C PRO B 140 -21.01 -18.37 33.96
N ASN B 141 -20.39 -17.75 32.95
CA ASN B 141 -19.05 -17.20 33.10
C ASN B 141 -18.89 -15.86 32.36
N PRO B 142 -19.70 -14.85 32.76
CA PRO B 142 -19.80 -13.62 31.97
C PRO B 142 -18.58 -12.70 32.09
N HIS B 143 -18.16 -12.15 30.94
CA HIS B 143 -17.05 -11.18 30.84
C HIS B 143 -17.48 -9.94 30.04
N ILE B 144 -17.03 -8.76 30.52
CA ILE B 144 -16.92 -7.55 29.71
C ILE B 144 -15.42 -7.29 29.63
N LEU B 145 -14.92 -7.23 28.39
CA LEU B 145 -13.52 -6.89 28.14
C LEU B 145 -13.45 -5.66 27.27
N THR B 146 -12.91 -4.59 27.84
CA THR B 146 -12.81 -3.31 27.17
C THR B 146 -11.35 -3.11 26.76
N LEU B 147 -11.15 -2.76 25.50
CA LEU B 147 -9.81 -2.55 24.96
C LEU B 147 -9.43 -1.08 25.22
N ALA B 148 -8.79 -0.90 26.36
CA ALA B 148 -8.53 0.43 26.91
C ALA B 148 -7.37 0.34 27.91
N PRO B 149 -6.62 1.44 28.09
CA PRO B 149 -5.39 1.38 28.91
C PRO B 149 -5.69 1.42 30.39
N PRO B 150 -4.70 1.10 31.23
CA PRO B 150 -4.89 1.40 32.67
C PRO B 150 -5.22 2.89 32.90
N PRO B 151 -6.09 3.20 33.87
CA PRO B 151 -6.38 4.61 34.12
C PRO B 151 -5.13 5.32 34.68
N SER B 152 -4.90 6.53 34.19
CA SER B 152 -3.75 7.34 34.59
C SER B 152 -4.15 8.81 34.63
N LEU B 153 -3.57 9.52 35.60
CA LEU B 153 -3.72 10.97 35.70
C LEU B 153 -2.45 11.70 35.29
N ASN B 154 -1.58 11.02 34.52
CA ASN B 154 -0.38 11.66 33.96
C ASN B 154 -0.72 12.91 33.15
N PRO B 155 -0.33 14.09 33.66
CA PRO B 155 -0.61 15.37 32.98
C PRO B 155 -0.12 15.49 31.55
N ALA B 156 1.04 14.91 31.25
CA ALA B 156 1.56 14.94 29.89
C ALA B 156 0.62 14.26 28.89
N TRP B 157 0.00 13.15 29.31
CA TRP B 157 -0.87 12.37 28.44
C TRP B 157 -2.20 13.07 28.22
N TRP B 158 -2.67 13.75 29.25
CA TRP B 158 -3.90 14.58 29.14
C TRP B 158 -3.64 15.85 28.30
N GLY B 159 -2.50 16.50 28.52
CA GLY B 159 -2.15 17.69 27.72
C GLY B 159 -1.80 17.46 26.26
N ALA B 160 -1.30 16.27 25.95
CA ALA B 160 -0.88 15.91 24.59
C ALA B 160 -2.04 16.01 23.59
N HIS B 161 -3.24 15.64 24.03
CA HIS B 161 -4.42 15.57 23.17
C HIS B 161 -5.63 15.29 24.08
N THR B 162 -6.10 16.32 24.75
CA THR B 162 -7.13 16.18 25.79
C THR B 162 -8.40 15.49 25.28
N GLY B 163 -8.83 15.83 24.07
CA GLY B 163 -10.06 15.23 23.56
C GLY B 163 -9.99 13.71 23.45
N TYR B 164 -8.90 13.23 22.87
CA TYR B 164 -8.70 11.78 22.72
C TYR B 164 -8.43 11.08 24.05
N THR B 165 -7.64 11.70 24.91
CA THR B 165 -7.33 11.10 26.20
C THR B 165 -8.62 10.97 27.03
N LEU B 166 -9.48 11.99 26.97
CA LEU B 166 -10.77 11.92 27.66
C LEU B 166 -11.61 10.76 27.12
N ALA B 167 -11.67 10.64 25.78
CA ALA B 167 -12.41 9.56 25.13
C ALA B 167 -11.87 8.16 25.49
N LYS B 168 -10.56 7.96 25.37
CA LYS B 168 -9.97 6.64 25.54
C LYS B 168 -9.84 6.27 27.03
N GLY B 170 -11.75 7.47 29.13
CA GLY B 170 -13.18 7.30 29.42
C GLY B 170 -13.61 5.83 29.39
N SER B 172 -11.62 3.33 30.01
CA SER B 172 -10.96 2.76 31.17
C SER B 172 -11.78 3.08 32.42
N LEU B 173 -12.27 4.31 32.49
CA LEU B 173 -12.98 4.74 33.71
C LEU B 173 -14.38 4.13 33.77
N VAL B 174 -15.04 4.03 32.62
CA VAL B 174 -16.28 3.23 32.54
C VAL B 174 -16.04 1.78 33.03
N THR B 175 -14.95 1.16 32.58
CA THR B 175 -14.59 -0.18 33.05
C THR B 175 -14.41 -0.24 34.59
N LEU B 176 -13.73 0.75 35.12
CA LEU B 176 -13.48 0.90 36.56
C LEU B 176 -14.79 0.92 37.34
N GLY B 177 -15.70 1.79 36.89
CA GLY B 177 -17.02 1.92 37.48
C GLY B 177 -17.88 0.69 37.30
N LEU B 178 -17.93 0.16 36.08
CA LEU B 178 -18.71 -1.08 35.81
C LEU B 178 -18.24 -2.23 36.72
N ALA B 179 -16.93 -2.40 36.80
CA ALA B 179 -16.29 -3.46 37.59
C ALA B 179 -16.66 -3.32 39.06
N ALA B 180 -16.60 -2.08 39.56
CA ALA B 180 -16.94 -1.80 40.96
C ALA B 180 -18.39 -2.13 41.24
N GLU B 181 -19.28 -1.84 40.28
CA GLU B 181 -20.72 -2.09 40.45
C GLU B 181 -21.12 -3.56 40.24
N PHE B 182 -20.68 -4.17 39.15
CA PHE B 182 -21.16 -5.50 38.74
C PHE B 182 -20.17 -6.64 38.97
N GLY B 183 -18.90 -6.31 39.19
CA GLY B 183 -17.87 -7.28 39.52
C GLY B 183 -18.30 -8.20 40.65
N PRO B 184 -18.78 -7.60 41.76
CA PRO B 184 -19.26 -8.40 42.90
C PRO B 184 -20.48 -9.27 42.57
N GLN B 185 -21.17 -8.97 41.47
CA GLN B 185 -22.30 -9.80 41.03
C GLN B 185 -21.89 -10.96 40.11
N GLY B 186 -20.58 -11.15 39.93
CA GLY B 186 -20.01 -12.30 39.23
C GLY B 186 -19.58 -12.06 37.80
N VAL B 187 -19.65 -10.80 37.34
CA VAL B 187 -19.21 -10.46 35.96
C VAL B 187 -17.73 -10.07 35.96
N ALA B 188 -16.94 -10.70 35.10
CA ALA B 188 -15.52 -10.39 34.99
C ALA B 188 -15.37 -9.16 34.08
N ILE B 189 -15.27 -7.98 34.69
CA ILE B 189 -15.22 -6.72 33.94
C ILE B 189 -13.81 -6.18 34.07
N ASN B 190 -13.07 -6.22 32.95
CA ASN B 190 -11.66 -5.87 32.90
C ASN B 190 -11.31 -5.16 31.59
N ALA B 191 -10.09 -4.64 31.53
CA ALA B 191 -9.54 -4.02 30.31
C ALA B 191 -8.27 -4.72 29.86
N LEU B 192 -8.02 -4.61 28.56
CA LEU B 192 -6.84 -5.19 27.93
C LEU B 192 -6.24 -4.15 26.98
N TRP B 193 -4.92 -3.97 27.03
CA TRP B 193 -4.24 -2.94 26.23
C TRP B 193 -2.91 -3.51 25.70
N PRO B 194 -2.50 -3.12 24.47
CA PRO B 194 -1.24 -3.64 23.92
C PRO B 194 -0.01 -2.91 24.41
N ARG B 195 1.06 -3.65 24.70
CA ARG B 195 2.35 -3.03 25.07
C ARG B 195 2.85 -2.10 23.94
N THR B 196 2.71 -2.57 22.71
CA THR B 196 3.21 -1.86 21.52
C THR B 196 2.06 -1.30 20.70
N VAL B 197 2.40 -0.44 19.76
CA VAL B 197 1.48 -0.07 18.71
C VAL B 197 1.13 -1.35 17.95
N ILE B 198 -0.15 -1.48 17.62
CA ILE B 198 -0.65 -2.54 16.78
C ILE B 198 -0.96 -1.97 15.37
N ALA B 199 -0.52 -2.70 14.34
CA ALA B 199 -0.80 -2.33 12.96
C ALA B 199 -2.29 -2.47 12.70
N THR B 200 -2.90 -1.42 12.16
CA THR B 200 -4.29 -1.47 11.79
C THR B 200 -4.58 -0.30 10.89
N ASP B 201 -5.78 -0.31 10.30
CA ASP B 201 -6.26 0.79 9.44
C ASP B 201 -6.29 2.20 10.10
N ALA B 202 -6.33 2.26 11.43
CA ALA B 202 -6.20 3.53 12.15
C ALA B 202 -4.75 4.09 12.22
N ILE B 203 -3.77 3.33 11.73
CA ILE B 203 -2.36 3.80 11.64
C ILE B 203 -2.21 5.23 11.16
N ASN B 204 -3.02 5.60 10.18
CA ASN B 204 -2.94 6.95 9.60
C ASN B 204 -3.27 8.08 10.58
N LEU B 206 -1.90 7.93 13.42
CA LEU B 206 -0.61 7.97 14.08
C LEU B 206 0.42 8.32 13.01
N PRO B 207 0.41 9.57 12.57
CA PRO B 207 1.36 10.08 11.61
C PRO B 207 2.78 9.62 11.88
N GLY B 208 3.46 9.17 10.84
CA GLY B 208 4.85 8.78 10.93
C GLY B 208 5.11 7.37 11.41
N VAL B 209 4.05 6.67 11.84
CA VAL B 209 4.21 5.30 12.33
C VAL B 209 4.29 4.32 11.17
N ASP B 210 5.38 3.56 11.16
CA ASP B 210 5.61 2.48 10.22
C ASP B 210 5.01 1.17 10.75
N ALA B 211 4.11 0.55 9.99
CA ALA B 211 3.52 -0.74 10.34
C ALA B 211 4.58 -1.80 10.66
N ALA B 212 5.73 -1.71 9.99
CA ALA B 212 6.84 -2.63 10.27
C ALA B 212 7.46 -2.51 11.65
N ALA B 213 7.17 -1.43 12.40
CA ALA B 213 7.63 -1.25 13.78
C ALA B 213 6.50 -1.60 14.78
N CYS B 214 5.49 -2.32 14.29
CA CYS B 214 4.27 -2.66 15.08
C CYS B 214 4.08 -4.18 15.16
N ARG B 215 3.17 -4.58 16.04
CA ARG B 215 2.71 -5.97 16.13
C ARG B 215 1.35 -6.10 15.43
N ARG B 216 1.08 -7.31 14.96
CA ARG B 216 -0.19 -7.62 14.33
CA ARG B 216 -0.20 -7.60 14.34
C ARG B 216 -1.27 -7.75 15.42
N PRO B 217 -2.54 -7.45 15.07
CA PRO B 217 -3.67 -7.61 16.00
C PRO B 217 -3.82 -8.98 16.63
N GLU B 218 -3.29 -10.03 16.00
CA GLU B 218 -3.34 -11.38 16.58
C GLU B 218 -2.80 -11.47 18.01
N ILE B 219 -1.84 -10.63 18.36
CA ILE B 219 -1.34 -10.62 19.76
C ILE B 219 -2.45 -10.26 20.74
N ALA B 221 -5.68 -10.63 19.97
CA ALA B 221 -6.63 -11.74 19.87
C ALA B 221 -6.29 -12.90 20.85
N ASP B 222 -5.02 -13.25 20.88
CA ASP B 222 -4.52 -14.35 21.70
C ASP B 222 -4.58 -13.98 23.17
N ALA B 223 -4.26 -12.72 23.50
CA ALA B 223 -4.32 -12.22 24.88
C ALA B 223 -5.78 -12.16 25.35
N ALA B 224 -6.67 -11.71 24.47
CA ALA B 224 -8.11 -11.68 24.79
C ALA B 224 -8.63 -13.10 25.11
N HIS B 225 -8.23 -14.07 24.30
CA HIS B 225 -8.62 -15.46 24.49
C HIS B 225 -8.19 -15.93 25.89
N ALA B 226 -6.95 -15.62 26.27
CA ALA B 226 -6.39 -15.94 27.61
C ALA B 226 -7.21 -15.33 28.73
N VAL B 227 -7.65 -14.11 28.55
CA VAL B 227 -8.50 -13.46 29.55
C VAL B 227 -9.89 -14.07 29.61
N LEU B 228 -10.53 -14.24 28.44
CA LEU B 228 -11.97 -14.57 28.36
C LEU B 228 -12.27 -16.01 28.77
N THR B 229 -11.24 -16.86 28.76
CA THR B 229 -11.40 -18.27 29.16
C THR B 229 -11.12 -18.46 30.65
N ARG B 230 -10.84 -17.37 31.36
CA ARG B 230 -10.65 -17.45 32.82
CA ARG B 230 -10.64 -17.46 32.82
C ARG B 230 -11.99 -17.47 33.50
N GLU B 231 -12.02 -18.08 34.69
CA GLU B 231 -13.15 -17.98 35.60
C GLU B 231 -13.51 -16.53 35.90
N ALA B 232 -14.79 -16.17 35.72
CA ALA B 232 -15.21 -14.79 35.87
C ALA B 232 -15.32 -14.38 37.35
N ALA B 233 -15.70 -15.33 38.22
CA ALA B 233 -15.89 -15.00 39.63
C ALA B 233 -14.62 -14.49 40.31
N GLY B 234 -14.71 -13.32 40.94
CA GLY B 234 -13.60 -12.69 41.63
C GLY B 234 -12.52 -12.07 40.72
N PHE B 235 -12.82 -11.93 39.43
CA PHE B 235 -11.83 -11.47 38.43
C PHE B 235 -12.40 -10.24 37.74
N HIS B 236 -12.14 -9.09 38.32
CA HIS B 236 -12.72 -7.84 37.83
C HIS B 236 -11.88 -6.62 38.28
N GLY B 237 -12.05 -5.53 37.54
CA GLY B 237 -11.36 -4.26 37.84
C GLY B 237 -9.87 -4.26 37.49
N GLN B 238 -9.45 -5.23 36.67
CA GLN B 238 -8.04 -5.39 36.27
CA GLN B 238 -8.04 -5.35 36.28
C GLN B 238 -7.81 -4.70 34.93
N PHE B 239 -6.69 -3.99 34.80
CA PHE B 239 -6.27 -3.37 33.54
C PHE B 239 -5.02 -4.10 33.11
N LEU B 240 -5.21 -4.95 32.11
CA LEU B 240 -4.22 -5.98 31.76
C LEU B 240 -3.48 -5.55 30.51
N ILE B 241 -2.27 -6.08 30.34
CA ILE B 241 -1.44 -5.81 29.17
C ILE B 241 -1.22 -7.11 28.42
N ASP B 242 -1.32 -7.05 27.07
CA ASP B 242 -1.14 -8.26 26.23
C ASP B 242 0.06 -9.17 26.58
N ASP B 243 1.26 -8.59 26.62
CA ASP B 243 2.46 -9.37 26.78
C ASP B 243 2.50 -10.11 28.10
N GLU B 244 2.01 -9.46 29.16
CA GLU B 244 1.90 -10.06 30.50
C GLU B 244 0.83 -11.14 30.62
N VAL B 245 -0.34 -10.87 30.03
CA VAL B 245 -1.39 -11.90 29.93
C VAL B 245 -0.86 -13.16 29.22
N LEU B 246 -0.15 -12.96 28.12
CA LEU B 246 0.35 -14.08 27.36
C LEU B 246 1.43 -14.84 28.14
N ALA B 247 2.32 -14.11 28.82
CA ALA B 247 3.39 -14.74 29.61
C ALA B 247 2.79 -15.67 30.66
N GLN B 248 1.75 -15.19 31.35
CA GLN B 248 1.00 -15.95 32.36
C GLN B 248 0.36 -17.22 31.77
N ALA B 249 -0.08 -17.14 30.51
CA ALA B 249 -0.71 -18.24 29.77
C ALA B 249 0.29 -19.20 29.12
N GLY B 250 1.58 -18.94 29.29
CA GLY B 250 2.61 -19.83 28.76
C GLY B 250 3.11 -19.46 27.39
N ILE B 251 2.69 -18.29 26.90
CA ILE B 251 3.19 -17.80 25.64
C ILE B 251 4.22 -16.71 25.91
N THR B 252 5.48 -17.09 25.82
CA THR B 252 6.57 -16.21 26.18
C THR B 252 7.37 -15.74 24.97
N ASP B 253 7.25 -16.44 23.84
CA ASP B 253 7.92 -16.00 22.62
C ASP B 253 6.97 -15.20 21.77
N LEU B 254 7.22 -13.90 21.68
CA LEU B 254 6.32 -12.98 20.98
C LEU B 254 6.79 -12.54 19.59
N SER B 255 7.91 -13.11 19.12
CA SER B 255 8.52 -12.73 17.84
C SER B 255 7.59 -12.89 16.66
N GLY B 256 6.74 -13.92 16.73
CA GLY B 256 5.82 -14.24 15.65
C GLY B 256 4.70 -13.23 15.41
N TYR B 257 4.48 -12.35 16.39
CA TYR B 257 3.43 -11.33 16.25
C TYR B 257 3.93 -10.04 15.60
N ALA B 258 5.24 -9.91 15.43
CA ALA B 258 5.80 -8.71 14.80
C ALA B 258 5.45 -8.65 13.32
N VAL B 259 5.11 -7.46 12.84
CA VAL B 259 5.03 -7.24 11.38
C VAL B 259 6.43 -7.49 10.74
N ASP B 260 7.48 -7.01 11.40
CA ASP B 260 8.87 -7.27 11.00
C ASP B 260 9.69 -7.49 12.27
N PRO B 261 9.97 -8.76 12.62
CA PRO B 261 10.62 -9.08 13.90
C PRO B 261 12.06 -8.57 14.05
N GLN B 262 12.63 -7.99 13.00
CA GLN B 262 13.94 -7.36 13.12
C GLN B 262 13.89 -5.90 13.55
N ARG B 263 12.71 -5.29 13.51
CA ARG B 263 12.56 -3.88 13.88
C ARG B 263 12.28 -3.70 15.38
N ALA B 264 12.84 -2.62 15.93
CA ALA B 264 12.47 -2.17 17.27
C ALA B 264 10.99 -1.81 17.20
N LEU B 265 10.24 -2.31 18.18
CA LEU B 265 8.82 -2.08 18.27
C LEU B 265 8.52 -0.74 18.94
N LEU B 266 7.46 -0.10 18.47
CA LEU B 266 7.02 1.18 19.00
C LEU B 266 6.20 0.97 20.25
N PRO B 267 6.56 1.65 21.34
CA PRO B 267 5.72 1.54 22.53
C PRO B 267 4.35 2.17 22.33
N ASP B 268 3.32 1.58 22.92
CA ASP B 268 1.94 2.04 22.71
C ASP B 268 1.68 3.36 23.41
N LEU B 269 0.64 4.04 22.99
CA LEU B 269 0.14 5.18 23.74
C LEU B 269 -0.30 4.68 25.12
N PHE B 270 -0.19 5.57 26.11
CA PHE B 270 -0.87 5.37 27.39
C PHE B 270 -0.29 4.26 28.29
N LEU B 271 1.01 4.01 28.12
CA LEU B 271 1.79 3.17 29.04
C LEU B 271 3.12 3.84 29.33
N GLU B 272 3.53 3.83 30.60
CA GLU B 272 4.87 4.26 30.98
C GLU B 272 5.88 3.21 30.49
N GLU B 273 7.09 3.63 30.18
CA GLU B 273 8.09 2.71 29.62
C GLU B 273 9.13 2.26 30.65
N LEU C 2 21.40 -2.05 -15.32
CA LEU C 2 20.57 -3.25 -15.68
C LEU C 2 19.12 -2.83 -15.99
N THR C 3 18.83 -2.68 -17.28
CA THR C 3 17.57 -2.12 -17.79
C THR C 3 16.97 -2.99 -18.90
N LEU C 4 15.64 -2.97 -19.02
CA LEU C 4 14.97 -3.65 -20.12
C LEU C 4 14.62 -2.69 -21.27
N SER C 5 15.25 -1.51 -21.29
CA SER C 5 15.03 -0.56 -22.38
C SER C 5 15.26 -1.20 -23.74
N GLY C 6 14.26 -1.08 -24.62
CA GLY C 6 14.35 -1.58 -25.99
C GLY C 6 14.20 -3.08 -26.13
N LYS C 7 14.15 -3.80 -25.00
CA LYS C 7 13.92 -5.24 -25.01
CA LYS C 7 13.93 -5.24 -25.02
C LYS C 7 12.46 -5.51 -25.31
N THR C 8 12.19 -6.62 -25.99
CA THR C 8 10.86 -7.01 -26.38
C THR C 8 10.44 -8.26 -25.59
N LEU C 9 9.40 -8.08 -24.75
CA LEU C 9 8.82 -9.14 -23.96
C LEU C 9 7.50 -9.62 -24.57
N PHE C 10 7.35 -10.93 -24.62
CA PHE C 10 6.09 -11.56 -25.01
C PHE C 10 5.57 -12.20 -23.74
N ILE C 11 4.46 -11.69 -23.23
CA ILE C 11 3.93 -12.12 -21.93
C ILE C 11 2.53 -12.66 -22.10
N THR C 12 2.34 -13.92 -21.77
CA THR C 12 1.00 -14.52 -21.85
C THR C 12 0.17 -14.14 -20.61
N GLY C 13 -1.12 -13.92 -20.86
CA GLY C 13 -2.11 -13.64 -19.81
C GLY C 13 -1.91 -12.32 -19.10
N ALA C 14 -1.33 -11.33 -19.77
CA ALA C 14 -0.92 -10.08 -19.16
C ALA C 14 -1.98 -8.95 -19.22
N SER C 15 -3.24 -9.31 -19.41
CA SER C 15 -4.34 -8.33 -19.31
C SER C 15 -4.62 -7.91 -17.86
N ARG C 16 -4.14 -8.69 -16.91
CA ARG C 16 -4.38 -8.44 -15.49
C ARG C 16 -3.35 -9.20 -14.63
N GLY C 17 -3.44 -8.98 -13.32
CA GLY C 17 -2.71 -9.77 -12.34
C GLY C 17 -1.19 -9.69 -12.49
N ILE C 18 -0.56 -10.83 -12.25
CA ILE C 18 0.90 -10.89 -12.25
C ILE C 18 1.48 -10.52 -13.62
N GLY C 19 0.90 -11.02 -14.70
CA GLY C 19 1.42 -10.73 -16.05
C GLY C 19 1.43 -9.24 -16.33
N LEU C 20 0.31 -8.58 -16.02
CA LEU C 20 0.21 -7.13 -16.17
C LEU C 20 1.28 -6.43 -15.35
N ALA C 21 1.46 -6.83 -14.09
CA ALA C 21 2.42 -6.20 -13.20
C ALA C 21 3.84 -6.31 -13.78
N ILE C 22 4.15 -7.49 -14.30
CA ILE C 22 5.45 -7.72 -14.95
C ILE C 22 5.54 -6.80 -16.17
N ALA C 23 4.50 -6.79 -17.00
CA ALA C 23 4.43 -5.92 -18.19
C ALA C 23 4.75 -4.45 -17.82
N LEU C 24 4.13 -3.95 -16.75
CA LEU C 24 4.30 -2.54 -16.39
C LEU C 24 5.67 -2.23 -15.77
N ARG C 25 6.22 -3.18 -15.02
CA ARG C 25 7.56 -3.00 -14.47
C ARG C 25 8.58 -2.91 -15.62
N ALA C 26 8.41 -3.73 -16.64
CA ALA C 26 9.31 -3.68 -17.81
C ALA C 26 9.11 -2.38 -18.62
N ALA C 27 7.85 -1.99 -18.79
CA ALA C 27 7.46 -0.74 -19.49
C ALA C 27 8.16 0.46 -18.90
N ARG C 28 8.28 0.49 -17.59
CA ARG C 28 8.92 1.60 -16.86
C ARG C 28 10.35 1.85 -17.34
N ASP C 29 11.01 0.77 -17.74
CA ASP C 29 12.35 0.82 -18.32
C ASP C 29 12.38 1.23 -19.80
N GLY C 30 11.22 1.29 -20.47
CA GLY C 30 11.19 1.53 -21.93
C GLY C 30 11.15 0.27 -22.75
N ALA C 31 10.68 -0.83 -22.16
CA ALA C 31 10.61 -2.10 -22.88
C ALA C 31 9.41 -2.07 -23.83
N ASN C 32 9.53 -2.85 -24.91
CA ASN C 32 8.41 -3.23 -25.73
C ASN C 32 7.75 -4.43 -25.09
N VAL C 33 6.42 -4.39 -24.97
CA VAL C 33 5.69 -5.51 -24.38
C VAL C 33 4.51 -5.93 -25.26
N ALA C 34 4.54 -7.19 -25.69
CA ALA C 34 3.46 -7.82 -26.39
C ALA C 34 2.58 -8.56 -25.35
N ILE C 35 1.34 -8.09 -25.21
CA ILE C 35 0.34 -8.64 -24.30
C ILE C 35 -0.47 -9.65 -25.07
N ALA C 36 -0.21 -10.95 -24.80
CA ALA C 36 -0.88 -12.01 -25.53
C ALA C 36 -1.92 -12.65 -24.63
N ALA C 37 -3.17 -12.28 -24.84
CA ALA C 37 -4.24 -12.72 -23.96
C ALA C 37 -5.58 -12.76 -24.68
N LYS C 38 -6.54 -13.46 -24.08
CA LYS C 38 -7.80 -13.75 -24.79
C LYS C 38 -8.81 -12.61 -24.76
N SER C 39 -8.81 -11.80 -23.71
CA SER C 39 -9.85 -10.79 -23.50
C SER C 39 -9.58 -9.48 -24.24
N ALA C 40 -10.47 -9.16 -25.19
CA ALA C 40 -10.41 -7.93 -25.98
C ALA C 40 -11.40 -6.87 -25.50
N VAL C 41 -12.50 -7.29 -24.88
CA VAL C 41 -13.48 -6.35 -24.33
C VAL C 41 -13.73 -6.70 -22.88
N ALA C 42 -14.05 -5.67 -22.08
CA ALA C 42 -14.14 -5.77 -20.62
C ALA C 42 -15.47 -6.36 -20.14
N ASN C 43 -15.43 -6.99 -18.97
CA ASN C 43 -16.65 -7.46 -18.30
C ASN C 43 -16.57 -7.03 -16.84
N PRO C 44 -17.74 -6.94 -16.15
CA PRO C 44 -17.73 -6.44 -14.76
C PRO C 44 -16.96 -7.33 -13.80
N LYS C 45 -16.88 -8.62 -14.10
CA LYS C 45 -16.40 -9.63 -13.16
C LYS C 45 -14.89 -9.66 -13.03
N LEU C 46 -14.20 -9.60 -14.17
CA LEU C 46 -12.75 -9.77 -14.18
C LEU C 46 -12.14 -8.74 -15.12
N PRO C 47 -11.99 -7.48 -14.65
CA PRO C 47 -11.49 -6.41 -15.50
C PRO C 47 -10.08 -6.63 -16.09
N GLY C 48 -9.85 -5.89 -17.17
CA GLY C 48 -8.59 -5.89 -17.90
C GLY C 48 -8.71 -6.55 -19.26
N THR C 49 -8.14 -5.92 -20.28
CA THR C 49 -8.16 -6.49 -21.62
C THR C 49 -6.76 -6.32 -22.21
N ILE C 50 -6.52 -6.91 -23.39
CA ILE C 50 -5.27 -6.70 -24.10
C ILE C 50 -5.06 -5.21 -24.41
N HIS C 51 -6.15 -4.50 -24.67
CA HIS C 51 -6.07 -3.09 -25.02
C HIS C 51 -5.79 -2.18 -23.81
N SER C 52 -6.44 -2.44 -22.66
CA SER C 52 -6.17 -1.63 -21.46
C SER C 52 -4.70 -1.89 -21.02
N ALA C 53 -4.27 -3.14 -21.14
CA ALA C 53 -2.89 -3.50 -20.73
C ALA C 53 -1.86 -2.83 -21.66
N ALA C 54 -2.09 -2.90 -22.97
CA ALA C 54 -1.21 -2.19 -23.92
C ALA C 54 -1.18 -0.67 -23.69
N ALA C 55 -2.34 -0.08 -23.40
CA ALA C 55 -2.42 1.36 -23.09
C ALA C 55 -1.64 1.70 -21.81
N ALA C 56 -1.77 0.84 -20.79
CA ALA C 56 -1.04 0.99 -19.52
C ALA C 56 0.49 0.91 -19.70
N VAL C 57 0.96 -0.03 -20.53
CA VAL C 57 2.37 -0.15 -20.90
C VAL C 57 2.84 1.19 -21.51
N ASN C 58 2.07 1.73 -22.43
CA ASN C 58 2.39 3.03 -23.05
C ASN C 58 2.45 4.14 -21.99
N ALA C 59 1.43 4.20 -21.12
CA ALA C 59 1.35 5.21 -20.07
C ALA C 59 2.56 5.14 -19.12
N ALA C 60 3.08 3.93 -18.89
CA ALA C 60 4.15 3.65 -17.96
C ALA C 60 5.56 3.95 -18.50
N GLY C 61 5.64 4.15 -19.80
CA GLY C 61 6.90 4.49 -20.47
C GLY C 61 7.43 3.47 -21.49
N GLY C 62 6.63 2.46 -21.79
CA GLY C 62 6.96 1.46 -22.77
C GLY C 62 6.16 1.54 -24.05
N GLN C 63 6.33 0.50 -24.87
CA GLN C 63 5.59 0.35 -26.12
C GLN C 63 4.74 -0.93 -26.06
N GLY C 64 3.43 -0.78 -25.91
CA GLY C 64 2.54 -1.93 -25.79
C GLY C 64 1.98 -2.40 -27.13
N LEU C 65 1.81 -3.72 -27.25
CA LEU C 65 1.20 -4.33 -28.43
C LEU C 65 0.12 -5.32 -27.93
N ALA C 66 -1.14 -4.98 -28.21
CA ALA C 66 -2.28 -5.80 -27.81
C ALA C 66 -2.46 -6.92 -28.84
N LEU C 67 -2.36 -8.18 -28.39
CA LEU C 67 -2.54 -9.35 -29.24
C LEU C 67 -3.62 -10.29 -28.71
N LYS C 68 -4.71 -10.41 -29.46
CA LYS C 68 -5.78 -11.32 -29.10
C LYS C 68 -5.30 -12.76 -29.31
N CYS C 69 -5.05 -13.47 -28.21
CA CYS C 69 -4.35 -14.74 -28.27
C CYS C 69 -4.82 -15.67 -27.17
N ASP C 70 -5.55 -16.68 -27.56
CA ASP C 70 -5.90 -17.78 -26.68
C ASP C 70 -4.77 -18.82 -26.80
N ILE C 71 -3.96 -18.98 -25.75
CA ILE C 71 -2.75 -19.82 -25.86
C ILE C 71 -3.06 -21.33 -25.97
N ARG C 72 -4.35 -21.68 -25.86
CA ARG C 72 -4.83 -23.04 -26.16
C ARG C 72 -4.77 -23.36 -27.64
N GLU C 73 -4.68 -22.30 -28.46
CA GLU C 73 -4.72 -22.38 -29.90
C GLU C 73 -3.37 -22.09 -30.49
N GLU C 74 -2.70 -23.13 -30.96
CA GLU C 74 -1.39 -23.01 -31.57
C GLU C 74 -1.33 -21.95 -32.69
N ASP C 75 -2.35 -21.94 -33.56
CA ASP C 75 -2.38 -20.95 -34.65
CA ASP C 75 -2.42 -20.95 -34.65
C ASP C 75 -2.39 -19.51 -34.14
N GLN C 76 -3.10 -19.25 -33.05
CA GLN C 76 -3.11 -17.89 -32.47
C GLN C 76 -1.78 -17.53 -31.84
N VAL C 77 -1.13 -18.50 -31.21
CA VAL C 77 0.21 -18.26 -30.64
C VAL C 77 1.23 -17.92 -31.74
N ARG C 78 1.23 -18.72 -32.80
CA ARG C 78 2.11 -18.47 -33.93
CA ARG C 78 2.13 -18.47 -33.89
C ARG C 78 1.84 -17.09 -34.52
N ALA C 79 0.55 -16.77 -34.68
CA ALA C 79 0.13 -15.47 -35.24
C ALA C 79 0.64 -14.33 -34.35
N ALA C 80 0.45 -14.48 -33.04
CA ALA C 80 0.93 -13.46 -32.09
C ALA C 80 2.46 -13.26 -32.14
N VAL C 81 3.21 -14.35 -32.21
CA VAL C 81 4.66 -14.26 -32.24
C VAL C 81 5.11 -13.56 -33.54
N ALA C 82 4.51 -13.95 -34.65
CA ALA C 82 4.82 -13.35 -35.96
C ALA C 82 4.56 -11.84 -35.94
N ALA C 83 3.42 -11.44 -35.37
CA ALA C 83 3.07 -10.02 -35.26
C ALA C 83 4.08 -9.24 -34.40
N THR C 84 4.52 -9.87 -33.30
CA THR C 84 5.48 -9.26 -32.37
C THR C 84 6.79 -9.00 -33.08
N VAL C 85 7.25 -9.99 -33.84
CA VAL C 85 8.51 -9.85 -34.63
C VAL C 85 8.35 -8.76 -35.70
N ASP C 86 7.20 -8.71 -36.36
CA ASP C 86 6.93 -7.72 -37.39
C ASP C 86 6.82 -6.30 -36.82
N THR C 87 6.46 -6.19 -35.55
CA THR C 87 6.26 -4.91 -34.89
C THR C 87 7.56 -4.38 -34.25
N PHE C 88 8.31 -5.25 -33.56
CA PHE C 88 9.46 -4.86 -32.78
C PHE C 88 10.82 -5.35 -33.31
N GLY C 89 10.82 -6.29 -34.26
CA GLY C 89 12.08 -6.77 -34.86
C GLY C 89 12.58 -8.08 -34.26
N GLY C 90 12.00 -8.51 -33.14
CA GLY C 90 12.44 -9.75 -32.50
C GLY C 90 11.69 -10.03 -31.22
N ILE C 91 12.14 -11.06 -30.49
CA ILE C 91 11.64 -11.36 -29.14
C ILE C 91 12.87 -11.65 -28.29
N ASP C 92 13.03 -10.88 -27.21
CA ASP C 92 14.15 -11.02 -26.30
C ASP C 92 13.78 -11.90 -25.12
N ILE C 93 12.51 -11.86 -24.73
CA ILE C 93 12.05 -12.46 -23.48
C ILE C 93 10.65 -13.04 -23.63
N LEU C 94 10.49 -14.30 -23.26
CA LEU C 94 9.15 -14.90 -23.13
C LEU C 94 8.85 -15.11 -21.65
N VAL C 95 7.70 -14.61 -21.21
CA VAL C 95 7.20 -14.86 -19.86
C VAL C 95 5.92 -15.72 -19.94
N ASN C 96 6.07 -16.97 -19.48
CA ASN C 96 4.98 -17.93 -19.41
C ASN C 96 4.22 -17.73 -18.10
N ASN C 97 3.16 -16.94 -18.18
CA ASN C 97 2.28 -16.58 -17.05
C ASN C 97 0.90 -17.22 -17.26
N ALA C 98 0.37 -17.96 -16.29
CA ALA C 98 -0.86 -18.71 -16.63
C ALA C 98 -1.70 -19.07 -15.41
N SER C 99 -3.01 -19.00 -15.59
CA SER C 99 -3.94 -19.15 -14.46
C SER C 99 -5.10 -20.04 -14.83
N ALA C 100 -4.98 -21.31 -14.43
CA ALA C 100 -6.10 -22.20 -14.41
C ALA C 100 -5.85 -23.13 -13.23
N ILE C 101 -6.69 -23.00 -12.22
CA ILE C 101 -6.56 -23.72 -10.96
C ILE C 101 -7.85 -24.47 -10.68
N TRP C 102 -7.71 -25.65 -10.08
CA TRP C 102 -8.85 -26.43 -9.60
C TRP C 102 -8.39 -27.37 -8.50
N LEU C 103 -8.66 -27.00 -7.25
CA LEU C 103 -8.13 -27.73 -6.13
C LEU C 103 -9.16 -28.72 -5.60
N ARG C 104 -9.38 -29.78 -6.38
CA ARG C 104 -10.19 -30.90 -5.96
C ARG C 104 -9.57 -32.23 -6.34
N GLY C 105 -10.11 -33.29 -5.73
CA GLY C 105 -9.68 -34.64 -5.99
C GLY C 105 -10.13 -35.09 -7.36
N THR C 106 -9.59 -36.22 -7.77
CA THR C 106 -9.79 -36.73 -9.10
C THR C 106 -11.21 -37.06 -9.51
N LEU C 107 -12.01 -37.62 -8.59
CA LEU C 107 -13.42 -37.90 -8.91
C LEU C 107 -14.24 -36.60 -9.05
N ASP C 108 -13.74 -35.51 -8.47
CA ASP C 108 -14.37 -34.17 -8.53
C ASP C 108 -13.65 -33.18 -9.46
N THR C 109 -12.91 -33.71 -10.44
CA THR C 109 -12.21 -32.90 -11.43
C THR C 109 -12.68 -33.31 -12.82
N PRO C 110 -13.73 -32.64 -13.33
CA PRO C 110 -14.23 -32.95 -14.68
C PRO C 110 -13.15 -32.84 -15.75
N LYS C 112 -13.27 -31.53 -18.64
CA LYS C 112 -13.20 -30.17 -19.20
C LYS C 112 -12.25 -29.27 -18.39
N ARG C 113 -12.27 -29.42 -17.07
CA ARG C 113 -11.41 -28.65 -16.18
C ARG C 113 -9.98 -29.16 -16.23
N PHE C 114 -9.82 -30.47 -16.22
CA PHE C 114 -8.50 -31.08 -16.39
C PHE C 114 -7.86 -30.54 -17.65
N ASP C 115 -8.62 -30.51 -18.75
CA ASP C 115 -8.11 -30.11 -20.07
C ASP C 115 -7.78 -28.61 -20.13
N LEU C 116 -8.66 -27.78 -19.58
CA LEU C 116 -8.36 -26.36 -19.47
C LEU C 116 -6.99 -26.16 -18.82
N GLN C 118 -4.39 -28.36 -18.32
CA GLN C 118 -3.19 -28.83 -19.08
C GLN C 118 -2.91 -27.95 -20.28
N GLN C 119 -3.96 -27.42 -20.92
CA GLN C 119 -3.81 -26.62 -22.12
C GLN C 119 -3.23 -25.24 -21.83
N VAL C 120 -3.68 -24.58 -20.78
CA VAL C 120 -3.23 -23.24 -20.44
C VAL C 120 -1.85 -23.24 -19.75
N ASN C 121 -1.62 -24.25 -18.90
CA ASN C 121 -0.43 -24.30 -18.06
CA ASN C 121 -0.43 -24.31 -18.07
C ASN C 121 0.70 -24.99 -18.86
N ALA C 122 0.86 -26.30 -18.72
CA ALA C 122 2.02 -27.00 -19.33
C ALA C 122 2.08 -26.83 -20.84
N ARG C 123 0.96 -27.10 -21.53
CA ARG C 123 0.97 -27.05 -22.98
C ARG C 123 1.21 -25.63 -23.46
N GLY C 124 0.57 -24.66 -22.82
CA GLY C 124 0.72 -23.27 -23.19
C GLY C 124 2.15 -22.83 -23.11
N SER C 125 2.82 -23.19 -22.03
CA SER C 125 4.26 -22.90 -21.89
C SER C 125 5.12 -23.55 -23.00
N PHE C 126 4.81 -24.79 -23.34
CA PHE C 126 5.54 -25.52 -24.36
C PHE C 126 5.32 -24.88 -25.73
N VAL C 127 4.07 -24.59 -26.08
CA VAL C 127 3.78 -24.06 -27.42
C VAL C 127 4.37 -22.63 -27.56
N CYS C 128 4.29 -21.82 -26.52
CA CYS C 128 4.88 -20.47 -26.60
C CYS C 128 6.42 -20.52 -26.71
N ALA C 129 7.05 -21.39 -25.93
CA ALA C 129 8.51 -21.62 -26.02
C ALA C 129 8.88 -22.06 -27.44
N GLN C 130 8.16 -23.04 -27.97
CA GLN C 130 8.42 -23.53 -29.34
C GLN C 130 8.35 -22.41 -30.40
N ALA C 131 7.35 -21.55 -30.27
CA ALA C 131 7.10 -20.48 -31.22
C ALA C 131 8.13 -19.36 -31.07
N CYS C 132 8.52 -19.05 -29.83
CA CYS C 132 9.47 -17.96 -29.59
C CYS C 132 10.94 -18.37 -29.79
N LEU C 133 11.27 -19.64 -29.58
CA LEU C 133 12.69 -20.06 -29.56
C LEU C 133 13.53 -19.64 -30.79
N PRO C 134 12.99 -19.81 -32.03
CA PRO C 134 13.75 -19.37 -33.23
C PRO C 134 14.20 -17.91 -33.17
N HIS C 135 13.37 -17.09 -32.53
CA HIS C 135 13.66 -15.66 -32.34
C HIS C 135 14.52 -15.38 -31.12
N LEU C 136 14.23 -16.05 -30.00
CA LEU C 136 15.08 -15.95 -28.83
C LEU C 136 16.51 -16.33 -29.13
N LEU C 137 16.71 -17.37 -29.93
CA LEU C 137 18.07 -17.88 -30.19
C LEU C 137 18.92 -16.86 -30.96
N GLN C 138 18.28 -15.84 -31.51
CA GLN C 138 18.98 -14.76 -32.22
C GLN C 138 19.14 -13.48 -31.41
N ALA C 139 18.56 -13.46 -30.21
CA ALA C 139 18.56 -12.25 -29.40
C ALA C 139 19.87 -12.16 -28.60
N PRO C 140 20.31 -10.93 -28.24
CA PRO C 140 21.53 -10.74 -27.45
C PRO C 140 21.54 -11.42 -26.06
N ASN C 141 20.40 -11.40 -25.36
CA ASN C 141 20.33 -11.82 -23.97
C ASN C 141 18.98 -12.53 -23.70
N PRO C 142 18.72 -13.65 -24.38
CA PRO C 142 17.40 -14.29 -24.40
C PRO C 142 17.02 -14.96 -23.09
N HIS C 143 15.79 -14.71 -22.65
CA HIS C 143 15.23 -15.41 -21.50
C HIS C 143 13.91 -16.08 -21.85
N ILE C 144 13.69 -17.25 -21.24
CA ILE C 144 12.32 -17.74 -21.02
C ILE C 144 12.13 -17.83 -19.51
N LEU C 145 11.12 -17.14 -18.99
CA LEU C 145 10.82 -17.18 -17.55
C LEU C 145 9.40 -17.71 -17.37
N THR C 146 9.29 -18.87 -16.75
CA THR C 146 8.01 -19.53 -16.55
C THR C 146 7.63 -19.37 -15.11
N LEU C 147 6.39 -18.96 -14.86
CA LEU C 147 5.95 -18.74 -13.50
C LEU C 147 5.37 -20.05 -12.94
N ALA C 148 6.25 -20.81 -12.31
CA ALA C 148 5.97 -22.18 -11.91
C ALA C 148 6.89 -22.55 -10.75
N PRO C 149 6.48 -23.52 -9.95
CA PRO C 149 7.28 -23.84 -8.76
C PRO C 149 8.47 -24.77 -9.04
N PRO C 150 9.36 -24.90 -8.05
CA PRO C 150 10.38 -25.93 -8.18
C PRO C 150 9.72 -27.32 -8.38
N PRO C 151 10.28 -28.16 -9.25
CA PRO C 151 9.66 -29.47 -9.43
C PRO C 151 9.79 -30.29 -8.16
N SER C 152 8.74 -31.03 -7.83
CA SER C 152 8.72 -31.86 -6.65
C SER C 152 7.92 -33.15 -6.87
N LEU C 153 8.39 -34.23 -6.24
CA LEU C 153 7.72 -35.52 -6.27
C LEU C 153 7.00 -35.79 -4.95
N ASN C 154 6.72 -34.74 -4.19
CA ASN C 154 6.02 -34.85 -2.90
C ASN C 154 4.64 -35.50 -3.08
N PRO C 155 4.43 -36.73 -2.57
CA PRO C 155 3.17 -37.43 -2.83
C PRO C 155 1.91 -36.74 -2.32
N ALA C 156 2.01 -36.06 -1.18
CA ALA C 156 0.91 -35.26 -0.63
C ALA C 156 0.41 -34.18 -1.61
N TRP C 157 1.35 -33.52 -2.30
CA TRP C 157 1.01 -32.47 -3.25
C TRP C 157 0.33 -33.06 -4.51
N TRP C 158 0.80 -34.23 -4.93
CA TRP C 158 0.21 -34.94 -6.04
C TRP C 158 -1.17 -35.50 -5.71
N GLY C 159 -1.34 -36.07 -4.52
CA GLY C 159 -2.59 -36.65 -4.09
C GLY C 159 -3.69 -35.62 -3.80
N ALA C 160 -3.29 -34.41 -3.38
CA ALA C 160 -4.23 -33.37 -2.96
C ALA C 160 -5.15 -32.92 -4.10
N HIS C 161 -4.61 -32.89 -5.32
CA HIS C 161 -5.33 -32.40 -6.48
C HIS C 161 -4.50 -32.75 -7.71
N THR C 162 -4.55 -34.01 -8.09
CA THR C 162 -3.68 -34.54 -9.14
C THR C 162 -3.76 -33.78 -10.46
N GLY C 163 -4.96 -33.40 -10.87
CA GLY C 163 -5.11 -32.72 -12.16
C GLY C 163 -4.39 -31.38 -12.17
N TYR C 164 -4.56 -30.62 -11.10
CA TYR C 164 -3.92 -29.31 -11.02
C TYR C 164 -2.39 -29.42 -10.85
N THR C 165 -1.96 -30.33 -10.00
CA THR C 165 -0.54 -30.54 -9.76
C THR C 165 0.14 -30.96 -11.06
N LEU C 166 -0.48 -31.88 -11.81
CA LEU C 166 0.04 -32.27 -13.11
C LEU C 166 0.22 -31.05 -14.01
N ALA C 167 -0.80 -30.18 -14.04
CA ALA C 167 -0.79 -29.02 -14.94
C ALA C 167 0.27 -28.01 -14.57
N LYS C 168 0.39 -27.70 -13.28
CA LYS C 168 1.30 -26.64 -12.82
C LYS C 168 2.71 -27.16 -12.68
N GLY C 170 3.63 -29.43 -14.50
CA GLY C 170 3.96 -29.59 -15.92
C GLY C 170 4.68 -28.38 -16.48
N SER C 172 6.67 -26.45 -14.71
CA SER C 172 8.02 -26.63 -14.14
C SER C 172 8.85 -27.66 -14.91
N LEU C 173 8.21 -28.74 -15.36
CA LEU C 173 8.89 -29.85 -15.99
C LEU C 173 9.23 -29.53 -17.46
N VAL C 174 8.32 -28.82 -18.13
CA VAL C 174 8.62 -28.19 -19.42
C VAL C 174 9.83 -27.27 -19.31
N THR C 175 9.86 -26.44 -18.27
CA THR C 175 11.01 -25.56 -18.03
C THR C 175 12.30 -26.39 -17.85
N LEU C 176 12.23 -27.44 -17.04
CA LEU C 176 13.36 -28.37 -16.79
C LEU C 176 13.93 -28.92 -18.11
N GLY C 177 13.05 -29.39 -18.98
CA GLY C 177 13.44 -29.94 -20.29
C GLY C 177 13.95 -28.90 -21.26
N LEU C 178 13.22 -27.80 -21.38
CA LEU C 178 13.64 -26.72 -22.25
C LEU C 178 15.05 -26.21 -21.88
N ALA C 179 15.29 -26.05 -20.59
CA ALA C 179 16.58 -25.55 -20.09
C ALA C 179 17.69 -26.53 -20.41
N ALA C 180 17.42 -27.82 -20.28
CA ALA C 180 18.41 -28.86 -20.59
C ALA C 180 18.70 -28.87 -22.07
N GLU C 181 17.68 -28.68 -22.91
CA GLU C 181 17.89 -28.67 -24.36
C GLU C 181 18.56 -27.37 -24.85
N PHE C 182 17.99 -26.22 -24.48
CA PHE C 182 18.37 -24.94 -25.10
C PHE C 182 19.27 -24.03 -24.24
N GLY C 183 19.28 -24.28 -22.94
CA GLY C 183 20.15 -23.58 -22.00
C GLY C 183 21.60 -23.56 -22.46
N PRO C 184 22.10 -24.72 -22.92
CA PRO C 184 23.47 -24.75 -23.49
C PRO C 184 23.76 -23.82 -24.67
N GLN C 185 22.72 -23.38 -25.40
CA GLN C 185 22.82 -22.37 -26.45
C GLN C 185 22.79 -20.93 -25.95
N GLY C 186 22.74 -20.75 -24.64
CA GLY C 186 22.80 -19.44 -23.99
C GLY C 186 21.43 -18.82 -23.71
N VAL C 187 20.37 -19.58 -23.84
CA VAL C 187 19.02 -19.10 -23.47
C VAL C 187 18.84 -19.27 -21.96
N ALA C 188 18.47 -18.20 -21.25
CA ALA C 188 18.20 -18.27 -19.80
C ALA C 188 16.78 -18.76 -19.58
N ILE C 189 16.64 -20.08 -19.43
CA ILE C 189 15.34 -20.70 -19.28
C ILE C 189 15.24 -21.13 -17.81
N ASN C 190 14.40 -20.39 -17.07
CA ASN C 190 14.27 -20.56 -15.64
C ASN C 190 12.79 -20.45 -15.23
N ALA C 191 12.50 -20.76 -13.96
CA ALA C 191 11.17 -20.52 -13.40
C ALA C 191 11.26 -19.57 -12.19
N LEU C 192 10.15 -18.90 -11.90
CA LEU C 192 9.97 -18.01 -10.73
C LEU C 192 8.62 -18.28 -10.06
N TRP C 193 8.65 -18.37 -8.74
CA TRP C 193 7.48 -18.74 -7.93
C TRP C 193 7.49 -17.88 -6.66
N PRO C 194 6.30 -17.42 -6.22
CA PRO C 194 6.25 -16.61 -5.02
C PRO C 194 6.28 -17.42 -3.72
N ARG C 195 7.00 -16.92 -2.72
CA ARG C 195 6.99 -17.55 -1.38
C ARG C 195 5.59 -17.63 -0.82
N THR C 196 4.84 -16.55 -1.00
CA THR C 196 3.48 -16.45 -0.43
C THR C 196 2.42 -16.52 -1.53
N VAL C 197 1.15 -16.60 -1.12
CA VAL C 197 0.05 -16.44 -2.07
C VAL C 197 0.09 -14.97 -2.52
N ILE C 198 -0.24 -14.78 -3.80
CA ILE C 198 -0.34 -13.46 -4.38
C ILE C 198 -1.82 -13.12 -4.64
N ALA C 199 -2.19 -11.89 -4.32
CA ALA C 199 -3.59 -11.44 -4.49
C ALA C 199 -3.88 -11.19 -5.98
N THR C 200 -4.70 -12.06 -6.54
CA THR C 200 -5.24 -11.95 -7.91
C THR C 200 -6.63 -12.58 -7.89
N ASP C 201 -7.38 -12.43 -8.98
CA ASP C 201 -8.68 -13.11 -9.17
C ASP C 201 -8.69 -14.61 -8.83
N ALA C 202 -7.57 -15.28 -9.06
CA ALA C 202 -7.42 -16.74 -8.82
C ALA C 202 -7.54 -17.19 -7.36
N ILE C 203 -7.43 -16.26 -6.41
CA ILE C 203 -7.61 -16.61 -5.00
C ILE C 203 -9.08 -17.03 -4.73
N ASN C 204 -9.98 -16.64 -5.64
CA ASN C 204 -11.33 -17.19 -5.69
C ASN C 204 -11.37 -18.72 -5.75
N LEU C 206 -9.13 -20.57 -4.25
CA LEU C 206 -8.49 -21.00 -3.02
C LEU C 206 -9.47 -20.74 -1.88
N PRO C 207 -10.24 -21.75 -1.47
CA PRO C 207 -11.18 -21.58 -0.37
C PRO C 207 -10.54 -20.95 0.86
N GLY C 208 -11.21 -19.96 1.42
CA GLY C 208 -10.77 -19.30 2.65
C GLY C 208 -9.76 -18.16 2.49
N VAL C 209 -9.11 -18.06 1.32
CA VAL C 209 -8.00 -17.11 1.10
C VAL C 209 -8.48 -15.68 0.86
N ASP C 210 -8.19 -14.79 1.80
CA ASP C 210 -8.48 -13.36 1.67
C ASP C 210 -7.28 -12.69 1.04
N ALA C 211 -7.52 -11.73 0.15
CA ALA C 211 -6.47 -10.91 -0.45
C ALA C 211 -5.61 -10.26 0.64
N ALA C 212 -6.23 -9.92 1.78
CA ALA C 212 -5.51 -9.30 2.90
C ALA C 212 -4.35 -10.12 3.47
N ALA C 213 -4.36 -11.44 3.27
CA ALA C 213 -3.33 -12.34 3.78
C ALA C 213 -2.30 -12.70 2.71
N CYS C 214 -2.28 -11.92 1.64
CA CYS C 214 -1.42 -12.15 0.47
C CYS C 214 -0.45 -11.02 0.26
N ARG C 215 0.48 -11.25 -0.67
CA ARG C 215 1.27 -10.15 -1.22
C ARG C 215 0.72 -9.63 -2.55
N ARG C 216 1.07 -8.39 -2.85
CA ARG C 216 0.70 -7.73 -4.09
C ARG C 216 1.47 -8.35 -5.27
N PRO C 217 0.86 -8.34 -6.48
CA PRO C 217 1.59 -8.86 -7.65
C PRO C 217 2.93 -8.18 -7.94
N GLU C 218 3.13 -6.93 -7.47
CA GLU C 218 4.35 -6.18 -7.72
C GLU C 218 5.62 -6.90 -7.19
N ILE C 219 5.51 -7.75 -6.17
CA ILE C 219 6.69 -8.52 -5.71
C ILE C 219 7.18 -9.45 -6.84
N ALA C 221 6.51 -8.94 -10.08
CA ALA C 221 6.99 -8.03 -11.11
C ALA C 221 8.44 -7.62 -10.86
N ASP C 222 8.75 -7.26 -9.62
CA ASP C 222 10.08 -6.78 -9.26
C ASP C 222 11.10 -7.92 -9.24
N ALA C 223 10.69 -9.09 -8.77
CA ALA C 223 11.56 -10.28 -8.82
C ALA C 223 11.83 -10.66 -10.29
N ALA C 224 10.77 -10.62 -11.11
CA ALA C 224 10.94 -10.89 -12.54
C ALA C 224 11.96 -9.97 -13.20
N HIS C 225 11.87 -8.67 -12.91
CA HIS C 225 12.80 -7.69 -13.48
C HIS C 225 14.24 -8.06 -13.10
N ALA C 226 14.43 -8.45 -11.85
CA ALA C 226 15.77 -8.78 -11.36
C ALA C 226 16.33 -10.00 -12.07
N VAL C 227 15.48 -10.96 -12.36
CA VAL C 227 15.87 -12.14 -13.13
C VAL C 227 16.17 -11.77 -14.59
N LEU C 228 15.28 -11.03 -15.22
CA LEU C 228 15.31 -10.77 -16.67
C LEU C 228 16.43 -9.84 -17.14
N THR C 229 16.99 -9.07 -16.21
CA THR C 229 18.11 -8.18 -16.50
C THR C 229 19.46 -8.86 -16.20
N ARG C 230 19.45 -10.11 -15.76
CA ARG C 230 20.68 -10.87 -15.59
C ARG C 230 21.20 -11.32 -16.94
N GLU C 231 22.52 -11.45 -17.03
CA GLU C 231 23.14 -12.14 -18.15
C GLU C 231 22.51 -13.54 -18.39
N ALA C 232 22.16 -13.84 -19.65
CA ALA C 232 21.44 -15.06 -19.97
C ALA C 232 22.42 -16.25 -20.04
N ALA C 233 23.61 -16.04 -20.63
CA ALA C 233 24.59 -17.13 -20.70
C ALA C 233 24.89 -17.69 -19.30
N GLY C 234 24.88 -19.02 -19.19
CA GLY C 234 25.20 -19.71 -17.95
C GLY C 234 24.17 -19.61 -16.84
N PHE C 235 22.93 -19.26 -17.20
CA PHE C 235 21.86 -19.04 -16.23
C PHE C 235 20.62 -19.72 -16.72
N HIS C 236 20.57 -21.03 -16.54
CA HIS C 236 19.40 -21.79 -16.96
C HIS C 236 19.11 -22.95 -16.03
N GLY C 237 17.87 -23.45 -16.06
CA GLY C 237 17.45 -24.60 -15.26
C GLY C 237 17.27 -24.31 -13.77
N GLN C 238 17.13 -23.03 -13.41
CA GLN C 238 16.92 -22.61 -12.02
CA GLN C 238 16.93 -22.66 -12.01
C GLN C 238 15.45 -22.40 -11.71
N PHE C 239 15.04 -22.80 -10.52
CA PHE C 239 13.69 -22.66 -10.04
C PHE C 239 13.76 -21.68 -8.88
N LEU C 240 13.48 -20.43 -9.20
CA LEU C 240 13.77 -19.30 -8.32
C LEU C 240 12.55 -18.89 -7.48
N ILE C 241 12.82 -18.29 -6.33
CA ILE C 241 11.76 -17.82 -5.43
C ILE C 241 11.85 -16.31 -5.31
N ASP C 242 10.69 -15.63 -5.31
CA ASP C 242 10.70 -14.16 -5.34
C ASP C 242 11.59 -13.51 -4.25
N ASP C 243 11.36 -13.90 -3.00
CA ASP C 243 12.07 -13.29 -1.88
C ASP C 243 13.57 -13.46 -1.97
N GLU C 244 14.01 -14.64 -2.45
CA GLU C 244 15.43 -14.93 -2.60
C GLU C 244 16.05 -14.13 -3.72
N VAL C 245 15.32 -14.04 -4.84
CA VAL C 245 15.79 -13.23 -5.96
C VAL C 245 15.95 -11.77 -5.51
N LEU C 246 14.95 -11.25 -4.80
CA LEU C 246 15.00 -9.87 -4.38
C LEU C 246 16.12 -9.63 -3.37
N ALA C 247 16.37 -10.60 -2.50
CA ALA C 247 17.47 -10.48 -1.52
C ALA C 247 18.82 -10.40 -2.24
N GLN C 248 19.01 -11.24 -3.24
CA GLN C 248 20.26 -11.19 -4.01
C GLN C 248 20.43 -9.82 -4.68
N ALA C 249 19.32 -9.22 -5.10
CA ALA C 249 19.30 -7.89 -5.73
C ALA C 249 19.43 -6.72 -4.75
N GLY C 250 19.55 -7.01 -3.46
CA GLY C 250 19.73 -5.99 -2.44
C GLY C 250 18.43 -5.46 -1.87
N ILE C 251 17.32 -6.12 -2.18
CA ILE C 251 16.00 -5.75 -1.66
C ILE C 251 15.60 -6.81 -0.65
N THR C 252 15.77 -6.47 0.61
CA THR C 252 15.53 -7.37 1.73
C THR C 252 14.33 -6.96 2.57
N ASP C 253 13.92 -5.70 2.49
CA ASP C 253 12.71 -5.26 3.17
C ASP C 253 11.49 -5.43 2.24
N LEU C 254 10.68 -6.45 2.50
CA LEU C 254 9.54 -6.81 1.67
C LEU C 254 8.21 -6.33 2.23
N SER C 255 8.27 -5.56 3.32
CA SER C 255 7.04 -5.19 4.01
C SER C 255 6.01 -4.43 3.13
N GLY C 256 6.52 -3.61 2.21
CA GLY C 256 5.65 -2.84 1.30
C GLY C 256 4.90 -3.67 0.27
N TYR C 257 5.30 -4.93 0.11
CA TYR C 257 4.61 -5.84 -0.82
C TYR C 257 3.38 -6.51 -0.22
N ALA C 258 3.18 -6.36 1.09
CA ALA C 258 1.99 -6.93 1.74
C ALA C 258 0.74 -6.17 1.31
N VAL C 259 -0.33 -6.91 0.99
CA VAL C 259 -1.64 -6.30 0.74
C VAL C 259 -2.09 -5.57 2.02
N ASP C 260 -1.93 -6.22 3.15
CA ASP C 260 -2.40 -5.70 4.45
C ASP C 260 -1.49 -6.22 5.57
N PRO C 261 -0.61 -5.34 6.09
CA PRO C 261 0.37 -5.69 7.13
C PRO C 261 -0.26 -6.20 8.44
N GLN C 262 -1.56 -6.00 8.64
CA GLN C 262 -2.19 -6.49 9.87
C GLN C 262 -2.42 -7.99 9.86
N ARG C 263 -2.29 -8.62 8.69
CA ARG C 263 -2.47 -10.06 8.53
C ARG C 263 -1.17 -10.82 8.35
N ALA C 264 -1.09 -12.01 8.93
CA ALA C 264 0.02 -12.94 8.66
C ALA C 264 -0.08 -13.40 7.19
N LEU C 265 1.04 -13.46 6.47
CA LEU C 265 1.02 -13.92 5.07
C LEU C 265 0.81 -15.43 4.95
N LEU C 266 -0.01 -15.82 3.97
CA LEU C 266 -0.29 -17.22 3.70
C LEU C 266 0.84 -17.79 2.82
N PRO C 267 1.44 -18.92 3.23
CA PRO C 267 2.48 -19.56 2.40
C PRO C 267 1.89 -20.07 1.08
N ASP C 268 2.66 -19.98 0.00
CA ASP C 268 2.21 -20.39 -1.33
C ASP C 268 2.12 -21.91 -1.44
N LEU C 269 1.28 -22.35 -2.37
CA LEU C 269 1.22 -23.73 -2.79
C LEU C 269 2.59 -24.17 -3.30
N PHE C 270 2.89 -25.44 -3.16
CA PHE C 270 4.04 -26.09 -3.82
C PHE C 270 5.41 -25.60 -3.35
N LEU C 271 5.49 -25.14 -2.09
CA LEU C 271 6.74 -24.88 -1.44
C LEU C 271 6.69 -25.51 -0.05
N GLU C 272 7.75 -26.22 0.30
CA GLU C 272 7.94 -26.74 1.65
C GLU C 272 8.20 -25.53 2.55
N GLU C 273 7.64 -25.57 3.75
CA GLU C 273 7.90 -24.53 4.76
C GLU C 273 9.10 -24.89 5.63
#